data_8D88
#
_entry.id   8D88
#
_cell.length_a   141.240
_cell.length_b   50.490
_cell.length_c   139.320
_cell.angle_alpha   90.000
_cell.angle_beta   117.260
_cell.angle_gamma   90.000
#
_symmetry.space_group_name_H-M   'C 1 2 1'
#
loop_
_entity.id
_entity.type
_entity.pdbx_description
1 polymer 'D-ornithine/D-lysine decarboxylase'
2 non-polymer 'DIMETHYL SULFOXIDE'
3 non-polymer 1,2-ETHANEDIOL
4 non-polymer PENTANE-1,5-DIAMINE
5 non-polymer N~2~-({3-hydroxy-2-methyl-5-[(phosphonooxy)methyl]pyridin-4-yl}methyl)-D-lysine
6 non-polymer 'SODIUM ION'
7 non-polymer 'CHLORIDE ION'
8 non-polymer GLYCEROL
9 water water
#
_entity_poly.entity_id   1
_entity_poly.type   'polypeptide(L)'
_entity_poly.pdbx_seq_one_letter_code
;MTDSIMQNYNQLREQVINGDRRFQHKDGHLCFEGVDLDALARQYPTPFYVFSEPEIIRNIHEIQQAFAAHKNTKTFFASK
TCSVMGVLKAIRDAGICAEANSQYEVRKCLEIGFRGDQIVFNGVVKKPADLEYAIANDLYLINVDSLYELEHIDAISRKL
KKVANVCVRVEPNVPSATHAELVTAFHAKSGLDLEQAEETCRRILAMPYVHLRGLHMHVGDQVPESEPFAKATKVLVDES
RRLEEVLGIKFDLINVGGGIPVPYKYDDENGDPLKDNMYAGITAQDFADAVIREVHKWRTDVEICIEPGRKVTGSAAVLL
TEVSCEKRKTNYDLNGNVECHVEWKFVDAGYSVLSDSQHFDWFFYVYNASRMTAAHDAWIKLAGPLCDGGDYFHMGVKGE
EFLLPKETHVGDIVAFLDAGAYTIESQTVFNNRPRTGVVMIDKNGDTRLIRREDSYEDMVKYDIYLAAALEHHHHHHA
;
_entity_poly.pdbx_strand_id   A,B
#
loop_
_chem_comp.id
_chem_comp.type
_chem_comp.name
_chem_comp.formula
CL non-polymer 'CHLORIDE ION' 'Cl -1'
DMS non-polymer 'DIMETHYL SULFOXIDE' 'C2 H6 O S'
EDO non-polymer 1,2-ETHANEDIOL 'C2 H6 O2'
GOL non-polymer GLYCEROL 'C3 H8 O3'
N2P non-polymer PENTANE-1,5-DIAMINE 'C5 H14 N2'
NA non-polymer 'SODIUM ION' 'Na 1'
R1O non-polymer N~2~-({3-hydroxy-2-methyl-5-[(phosphonooxy)methyl]pyridin-4-yl}methyl)-D-lysine 'C14 H24 N3 O7 P'
#
# COMPACT_ATOMS: atom_id res chain seq x y z
N MET A 1 6.19 18.43 -29.00
CA MET A 1 6.13 19.81 -28.50
C MET A 1 5.29 19.89 -27.23
N THR A 2 5.81 20.57 -26.21
CA THR A 2 5.06 20.74 -24.96
C THR A 2 3.90 21.71 -25.13
N ASP A 3 4.01 22.67 -26.06
CA ASP A 3 2.86 23.52 -26.36
C ASP A 3 1.70 22.68 -26.86
N SER A 4 1.98 21.74 -27.78
CA SER A 4 0.95 20.83 -28.26
C SER A 4 0.41 19.95 -27.14
N ILE A 5 1.27 19.55 -26.21
CA ILE A 5 0.82 18.76 -25.06
C ILE A 5 -0.12 19.59 -24.19
N MET A 6 0.25 20.85 -23.94
CA MET A 6 -0.61 21.76 -23.16
C MET A 6 -1.91 22.04 -23.89
N GLN A 7 -1.85 22.29 -25.20
CA GLN A 7 -3.07 22.50 -25.96
C GLN A 7 -3.98 21.28 -25.88
N ASN A 8 -3.40 20.08 -26.04
CA ASN A 8 -4.21 18.86 -26.00
C ASN A 8 -4.83 18.66 -24.63
N TYR A 9 -4.07 18.92 -23.55
CA TYR A 9 -4.64 18.70 -22.23
C TYR A 9 -5.78 19.66 -21.96
N ASN A 10 -5.69 20.89 -22.48
CA ASN A 10 -6.77 21.83 -22.25
C ASN A 10 -7.98 21.49 -23.10
N GLN A 11 -7.78 20.89 -24.28
CA GLN A 11 -8.91 20.33 -25.01
CA GLN A 11 -8.91 20.34 -25.01
C GLN A 11 -9.60 19.24 -24.21
N LEU A 12 -8.82 18.41 -23.51
CA LEU A 12 -9.44 17.39 -22.65
C LEU A 12 -10.18 18.04 -21.50
N ARG A 13 -9.60 19.08 -20.91
CA ARG A 13 -10.27 19.80 -19.83
C ARG A 13 -11.63 20.31 -20.29
N GLU A 14 -11.67 20.93 -21.46
CA GLU A 14 -12.93 21.47 -21.97
C GLU A 14 -13.94 20.37 -22.20
N GLN A 15 -13.48 19.21 -22.66
CA GLN A 15 -14.37 18.08 -22.88
C GLN A 15 -14.97 17.55 -21.59
N VAL A 16 -14.22 17.60 -20.48
CA VAL A 16 -14.81 17.24 -19.19
C VAL A 16 -16.04 18.10 -18.90
N ILE A 17 -15.94 19.41 -19.12
CA ILE A 17 -17.04 20.29 -18.71
C ILE A 17 -18.06 20.57 -19.80
N ASN A 18 -17.89 20.05 -21.02
CA ASN A 18 -18.88 20.29 -22.07
CA ASN A 18 -18.84 20.30 -22.11
C ASN A 18 -19.37 19.02 -22.74
N GLY A 19 -18.61 17.92 -22.68
CA GLY A 19 -18.97 16.69 -23.36
C GLY A 19 -18.81 15.40 -22.59
N ASP A 20 -19.08 15.43 -21.29
CA ASP A 20 -18.92 14.27 -20.43
C ASP A 20 -20.20 14.06 -19.64
N ARG A 21 -20.75 12.85 -19.71
CA ARG A 21 -22.02 12.56 -19.07
C ARG A 21 -22.02 12.77 -17.56
N ARG A 22 -20.83 12.77 -16.92
CA ARG A 22 -20.71 12.86 -15.47
C ARG A 22 -20.63 14.30 -14.95
N PHE A 23 -20.20 15.25 -15.78
CA PHE A 23 -19.65 16.50 -15.27
C PHE A 23 -20.29 17.72 -15.91
N GLN A 24 -20.26 18.81 -15.16
CA GLN A 24 -20.71 20.12 -15.62
C GLN A 24 -19.79 21.16 -14.99
N HIS A 25 -20.12 22.43 -15.18
CA HIS A 25 -19.43 23.48 -14.44
C HIS A 25 -20.45 24.50 -13.92
N LYS A 26 -20.08 25.14 -12.81
CA LYS A 26 -20.93 26.15 -12.19
C LYS A 26 -20.02 27.00 -11.34
N ASP A 27 -20.21 28.33 -11.40
CA ASP A 27 -19.41 29.24 -10.58
C ASP A 27 -17.91 29.01 -10.78
N GLY A 28 -17.52 28.57 -11.96
CA GLY A 28 -16.12 28.30 -12.24
C GLY A 28 -15.62 26.97 -11.71
N HIS A 29 -16.51 26.14 -11.17
CA HIS A 29 -16.13 24.93 -10.45
C HIS A 29 -16.60 23.68 -11.21
N LEU A 30 -15.81 22.61 -11.08
CA LEU A 30 -16.22 21.31 -11.57
C LEU A 30 -17.40 20.80 -10.77
N CYS A 31 -18.43 20.31 -11.47
CA CYS A 31 -19.60 19.68 -10.87
C CYS A 31 -19.67 18.24 -11.36
N PHE A 32 -20.11 17.36 -10.46
CA PHE A 32 -20.29 15.92 -10.70
C PHE A 32 -21.75 15.65 -10.41
N GLU A 33 -22.52 15.20 -11.42
CA GLU A 33 -23.94 14.95 -11.25
C GLU A 33 -24.66 16.16 -10.66
N GLY A 34 -24.23 17.36 -11.07
CA GLY A 34 -24.81 18.60 -10.60
C GLY A 34 -24.30 19.11 -9.26
N VAL A 35 -23.42 18.37 -8.60
CA VAL A 35 -22.89 18.76 -7.29
C VAL A 35 -21.60 19.53 -7.52
N ASP A 36 -21.56 20.77 -7.04
CA ASP A 36 -20.35 21.59 -7.11
C ASP A 36 -19.30 20.99 -6.19
N LEU A 37 -18.16 20.58 -6.76
CA LEU A 37 -17.16 19.83 -5.98
C LEU A 37 -16.28 20.73 -5.14
N ASP A 38 -16.11 21.99 -5.52
CA ASP A 38 -15.48 22.94 -4.63
C ASP A 38 -16.33 23.14 -3.38
N ALA A 39 -17.62 23.40 -3.58
CA ALA A 39 -18.54 23.57 -2.46
C ALA A 39 -18.60 22.30 -1.59
N LEU A 40 -18.64 21.13 -2.22
CA LEU A 40 -18.71 19.90 -1.44
C LEU A 40 -17.48 19.74 -0.55
N ALA A 41 -16.31 20.12 -1.07
CA ALA A 41 -15.07 20.03 -0.30
C ALA A 41 -14.92 21.15 0.72
N ARG A 42 -15.87 22.07 0.82
CA ARG A 42 -15.95 22.99 1.94
C ARG A 42 -16.87 22.47 3.03
N GLN A 43 -17.71 21.50 2.69
N GLN A 43 -17.69 21.46 2.74
CA GLN A 43 -18.61 20.86 3.66
CA GLN A 43 -18.59 20.88 3.73
C GLN A 43 -17.91 19.75 4.42
C GLN A 43 -18.05 19.61 4.37
N TYR A 44 -17.12 18.93 3.71
CA TYR A 44 -16.45 17.77 4.28
C TYR A 44 -14.94 17.98 4.25
N PRO A 45 -14.22 17.52 5.28
CA PRO A 45 -12.77 17.73 5.31
C PRO A 45 -12.06 16.90 4.24
N THR A 46 -11.17 17.56 3.49
CA THR A 46 -10.33 16.86 2.53
C THR A 46 -9.16 16.17 3.22
N PRO A 47 -8.58 15.15 2.58
CA PRO A 47 -9.01 14.56 1.30
C PRO A 47 -10.18 13.60 1.49
N PHE A 48 -11.07 13.50 0.51
CA PHE A 48 -12.10 12.48 0.54
C PHE A 48 -12.46 12.09 -0.89
N TYR A 49 -13.06 10.91 -1.01
CA TYR A 49 -13.59 10.43 -2.29
C TYR A 49 -15.09 10.69 -2.36
N VAL A 50 -15.56 11.08 -3.55
N VAL A 50 -15.56 11.04 -3.56
CA VAL A 50 -17.00 11.20 -3.79
CA VAL A 50 -16.98 11.22 -3.85
C VAL A 50 -17.39 10.25 -4.90
C VAL A 50 -17.38 10.21 -4.92
N PHE A 51 -18.38 9.39 -4.63
CA PHE A 51 -18.88 8.41 -5.58
C PHE A 51 -20.19 8.90 -6.18
N SER A 52 -20.49 8.42 -7.38
CA SER A 52 -21.71 8.78 -8.09
C SER A 52 -22.53 7.52 -8.30
N GLU A 53 -23.65 7.41 -7.58
CA GLU A 53 -24.59 6.32 -7.88
C GLU A 53 -25.08 6.39 -9.32
N PRO A 54 -25.40 7.57 -9.89
CA PRO A 54 -25.79 7.59 -11.31
C PRO A 54 -24.74 6.99 -12.24
N GLU A 55 -23.46 7.24 -12.02
CA GLU A 55 -22.43 6.74 -12.92
C GLU A 55 -22.23 5.23 -12.76
N ILE A 56 -22.30 4.72 -11.52
CA ILE A 56 -22.29 3.27 -11.32
C ILE A 56 -23.41 2.62 -12.14
N ILE A 57 -24.61 3.22 -12.10
CA ILE A 57 -25.73 2.69 -12.86
C ILE A 57 -25.46 2.71 -14.36
N ARG A 58 -24.87 3.80 -14.87
CA ARG A 58 -24.55 3.85 -16.28
C ARG A 58 -23.55 2.76 -16.65
N ASN A 59 -22.54 2.55 -15.80
CA ASN A 59 -21.55 1.52 -16.07
C ASN A 59 -22.19 0.14 -16.08
N ILE A 60 -23.04 -0.15 -15.10
CA ILE A 60 -23.71 -1.45 -15.08
C ILE A 60 -24.57 -1.63 -16.33
N HIS A 61 -25.24 -0.57 -16.77
CA HIS A 61 -26.02 -0.64 -17.99
C HIS A 61 -25.17 -1.00 -19.19
N GLU A 62 -23.98 -0.38 -19.32
N GLU A 62 -23.96 -0.41 -19.31
CA GLU A 62 -23.09 -0.72 -20.43
CA GLU A 62 -23.12 -0.73 -20.45
C GLU A 62 -22.78 -2.21 -20.42
C GLU A 62 -22.71 -2.21 -20.44
N ILE A 63 -22.45 -2.75 -19.26
CA ILE A 63 -22.07 -4.16 -19.13
C ILE A 63 -23.25 -5.06 -19.50
N GLN A 64 -24.42 -4.77 -18.93
CA GLN A 64 -25.58 -5.61 -19.20
C GLN A 64 -26.06 -5.49 -20.65
N GLN A 65 -26.13 -4.26 -21.18
CA GLN A 65 -26.47 -4.10 -22.59
C GLN A 65 -25.51 -4.88 -23.48
N ALA A 66 -24.22 -4.89 -23.11
CA ALA A 66 -23.23 -5.62 -23.89
C ALA A 66 -23.58 -7.10 -24.04
N PHE A 67 -24.21 -7.69 -23.02
CA PHE A 67 -24.55 -9.11 -23.04
C PHE A 67 -25.97 -9.40 -23.51
N ALA A 68 -26.57 -8.49 -24.30
CA ALA A 68 -27.93 -8.71 -24.76
C ALA A 68 -28.08 -9.95 -25.64
N ALA A 69 -27.02 -10.35 -26.35
CA ALA A 69 -27.11 -11.53 -27.21
C ALA A 69 -27.16 -12.83 -26.42
N HIS A 70 -26.97 -12.78 -25.10
CA HIS A 70 -27.03 -13.98 -24.27
C HIS A 70 -27.92 -13.68 -23.07
N LYS A 71 -29.17 -14.14 -23.14
CA LYS A 71 -30.15 -13.86 -22.11
C LYS A 71 -29.69 -14.36 -20.74
N ASN A 72 -29.19 -15.59 -20.68
N ASN A 72 -29.14 -15.57 -20.69
CA ASN A 72 -28.85 -16.20 -19.39
CA ASN A 72 -28.79 -16.23 -19.44
C ASN A 72 -27.43 -15.80 -18.96
C ASN A 72 -27.41 -15.80 -18.95
N THR A 73 -27.27 -14.52 -18.65
CA THR A 73 -26.01 -13.95 -18.15
C THR A 73 -26.21 -13.44 -16.73
N LYS A 74 -25.29 -13.78 -15.82
CA LYS A 74 -25.38 -13.35 -14.43
C LYS A 74 -24.14 -12.53 -14.12
N THR A 75 -24.32 -11.33 -13.58
CA THR A 75 -23.22 -10.38 -13.39
C THR A 75 -22.91 -10.22 -11.90
N PHE A 76 -21.66 -10.52 -11.52
CA PHE A 76 -21.21 -10.44 -10.13
C PHE A 76 -20.16 -9.34 -10.00
N PHE A 77 -20.50 -8.25 -9.32
CA PHE A 77 -19.52 -7.20 -9.08
C PHE A 77 -18.39 -7.73 -8.19
N ALA A 78 -17.15 -7.58 -8.66
CA ALA A 78 -16.00 -8.04 -7.88
C ALA A 78 -15.77 -7.07 -6.72
N SER A 79 -16.19 -7.47 -5.52
N SER A 79 -16.22 -7.45 -5.52
CA SER A 79 -16.28 -6.56 -4.39
CA SER A 79 -16.29 -6.46 -4.45
C SER A 79 -14.93 -6.01 -3.98
C SER A 79 -14.93 -6.02 -3.91
N LYS A 80 -13.84 -6.74 -4.23
CA LYS A 80 -12.51 -6.23 -3.89
CA LYS A 80 -12.52 -6.22 -3.88
C LYS A 80 -12.22 -4.89 -4.56
N THR A 81 -12.97 -4.53 -5.62
CA THR A 81 -12.80 -3.23 -6.27
C THR A 81 -13.18 -2.09 -5.36
N CYS A 82 -14.23 -2.28 -4.56
CA CYS A 82 -14.72 -1.29 -3.62
C CYS A 82 -15.85 -1.90 -2.83
N SER A 83 -15.67 -2.01 -1.51
CA SER A 83 -16.68 -2.67 -0.68
C SER A 83 -17.22 -1.76 0.42
N VAL A 84 -17.05 -0.44 0.28
CA VAL A 84 -17.76 0.47 1.18
C VAL A 84 -19.24 0.15 1.09
N MET A 85 -19.89 0.04 2.25
CA MET A 85 -21.23 -0.55 2.26
C MET A 85 -22.20 0.24 1.38
N GLY A 86 -22.12 1.58 1.38
CA GLY A 86 -23.00 2.38 0.54
C GLY A 86 -22.76 2.18 -0.94
N VAL A 87 -21.53 1.82 -1.32
CA VAL A 87 -21.24 1.47 -2.72
C VAL A 87 -21.82 0.10 -3.07
N LEU A 88 -21.62 -0.88 -2.19
CA LEU A 88 -22.27 -2.17 -2.37
C LEU A 88 -23.78 -2.04 -2.45
N LYS A 89 -24.37 -1.13 -1.67
CA LYS A 89 -25.83 -0.98 -1.68
C LYS A 89 -26.29 -0.42 -3.03
N ALA A 90 -25.59 0.57 -3.57
CA ALA A 90 -25.93 1.08 -4.89
C ALA A 90 -25.86 -0.03 -5.94
N ILE A 91 -24.85 -0.89 -5.82
CA ILE A 91 -24.69 -1.97 -6.80
C ILE A 91 -25.79 -3.00 -6.65
N ARG A 92 -26.15 -3.35 -5.41
CA ARG A 92 -27.27 -4.25 -5.17
CA ARG A 92 -27.27 -4.25 -5.17
C ARG A 92 -28.57 -3.66 -5.72
N ASP A 93 -28.83 -2.38 -5.44
CA ASP A 93 -30.03 -1.72 -5.93
C ASP A 93 -30.05 -1.59 -7.45
N ALA A 94 -28.89 -1.58 -8.10
CA ALA A 94 -28.84 -1.56 -9.57
C ALA A 94 -29.10 -2.93 -10.19
N GLY A 95 -29.25 -3.97 -9.37
CA GLY A 95 -29.82 -5.22 -9.84
C GLY A 95 -28.84 -6.32 -10.20
N ILE A 96 -27.56 -6.20 -9.85
CA ILE A 96 -26.62 -7.28 -10.17
C ILE A 96 -26.20 -8.00 -8.89
N CYS A 97 -25.27 -8.96 -9.02
CA CYS A 97 -24.84 -9.83 -7.93
C CYS A 97 -23.45 -9.41 -7.46
N ALA A 98 -22.83 -10.26 -6.62
CA ALA A 98 -21.59 -9.86 -5.96
C ALA A 98 -20.61 -11.02 -5.90
N GLU A 99 -19.36 -10.73 -6.20
CA GLU A 99 -18.26 -11.67 -6.04
C GLU A 99 -17.43 -11.20 -4.85
N ALA A 100 -17.04 -12.16 -4.02
CA ALA A 100 -16.34 -11.88 -2.77
C ALA A 100 -15.05 -12.67 -2.73
N ASN A 101 -14.09 -12.14 -1.95
CA ASN A 101 -12.71 -12.56 -2.02
C ASN A 101 -12.12 -12.87 -0.65
N SER A 102 -12.97 -12.98 0.38
CA SER A 102 -12.58 -13.35 1.72
C SER A 102 -13.86 -13.63 2.49
N GLN A 103 -13.68 -14.23 3.68
CA GLN A 103 -14.83 -14.47 4.56
C GLN A 103 -15.55 -13.17 4.91
N TYR A 104 -14.78 -12.13 5.26
CA TYR A 104 -15.41 -10.87 5.64
C TYR A 104 -16.11 -10.19 4.46
N GLU A 105 -15.57 -10.34 3.23
CA GLU A 105 -16.30 -9.83 2.07
C GLU A 105 -17.61 -10.60 1.87
N VAL A 106 -17.60 -11.92 2.08
CA VAL A 106 -18.86 -12.66 2.00
C VAL A 106 -19.86 -12.10 3.00
N ARG A 107 -19.40 -11.94 4.25
CA ARG A 107 -20.27 -11.47 5.30
C ARG A 107 -20.82 -10.08 4.99
N LYS A 108 -19.98 -9.16 4.50
CA LYS A 108 -20.50 -7.83 4.25
CA LYS A 108 -20.44 -7.81 4.19
C LYS A 108 -21.50 -7.82 3.10
N CYS A 109 -21.28 -8.65 2.08
CA CYS A 109 -22.26 -8.77 1.00
C CYS A 109 -23.59 -9.30 1.51
N LEU A 110 -23.55 -10.31 2.37
CA LEU A 110 -24.80 -10.80 2.96
C LEU A 110 -25.46 -9.71 3.80
N GLU A 111 -24.66 -9.00 4.60
N GLU A 111 -24.67 -8.96 4.57
CA GLU A 111 -25.21 -7.97 5.48
CA GLU A 111 -25.24 -7.98 5.49
C GLU A 111 -25.91 -6.88 4.68
C GLU A 111 -25.77 -6.73 4.79
N ILE A 112 -25.31 -6.44 3.58
CA ILE A 112 -25.88 -5.31 2.81
C ILE A 112 -27.08 -5.74 1.97
N GLY A 113 -27.36 -7.04 1.91
CA GLY A 113 -28.59 -7.51 1.28
C GLY A 113 -28.40 -8.37 0.04
N PHE A 114 -27.19 -8.75 -0.36
CA PHE A 114 -27.08 -9.77 -1.39
C PHE A 114 -27.48 -11.11 -0.78
N ARG A 115 -28.32 -11.86 -1.47
CA ARG A 115 -28.65 -13.19 -0.97
C ARG A 115 -27.49 -14.14 -1.25
N GLY A 116 -27.48 -15.27 -0.53
CA GLY A 116 -26.48 -16.30 -0.79
C GLY A 116 -26.42 -16.68 -2.25
N ASP A 117 -27.59 -16.82 -2.88
CA ASP A 117 -27.63 -17.17 -4.30
C ASP A 117 -27.19 -16.04 -5.22
N GLN A 118 -26.76 -14.90 -4.69
CA GLN A 118 -26.20 -13.82 -5.49
C GLN A 118 -24.72 -13.61 -5.22
N ILE A 119 -24.03 -14.58 -4.61
CA ILE A 119 -22.65 -14.40 -4.16
C ILE A 119 -21.77 -15.53 -4.67
N VAL A 120 -20.64 -15.18 -5.27
N VAL A 120 -20.64 -15.15 -5.28
CA VAL A 120 -19.59 -16.15 -5.61
CA VAL A 120 -19.55 -16.05 -5.66
C VAL A 120 -18.36 -15.83 -4.78
C VAL A 120 -18.39 -15.79 -4.71
N PHE A 121 -17.80 -16.85 -4.15
CA PHE A 121 -16.65 -16.72 -3.25
C PHE A 121 -15.45 -17.35 -3.96
N ASN A 122 -14.46 -16.52 -4.29
CA ASN A 122 -13.23 -16.95 -4.94
C ASN A 122 -12.05 -16.79 -4.00
N GLY A 123 -11.02 -17.61 -4.22
CA GLY A 123 -9.78 -17.40 -3.49
C GLY A 123 -8.79 -18.53 -3.69
N VAL A 124 -7.52 -18.23 -3.43
CA VAL A 124 -6.46 -19.25 -3.41
C VAL A 124 -6.22 -19.78 -2.00
N VAL A 125 -6.63 -19.06 -0.97
CA VAL A 125 -6.50 -19.50 0.41
C VAL A 125 -7.89 -19.36 1.04
N LYS A 126 -8.66 -20.44 1.03
CA LYS A 126 -9.97 -20.51 1.68
CA LYS A 126 -9.95 -20.49 1.70
C LYS A 126 -9.80 -21.50 2.83
N LYS A 127 -9.53 -20.99 4.03
CA LYS A 127 -9.28 -21.85 5.17
C LYS A 127 -10.58 -22.56 5.58
N PRO A 128 -10.49 -23.60 6.38
CA PRO A 128 -11.71 -24.29 6.83
C PRO A 128 -12.78 -23.34 7.38
N ALA A 129 -12.40 -22.38 8.23
CA ALA A 129 -13.40 -21.45 8.76
C ALA A 129 -14.07 -20.66 7.64
N ASP A 130 -13.29 -20.28 6.61
CA ASP A 130 -13.86 -19.52 5.50
C ASP A 130 -14.84 -20.41 4.72
N LEU A 131 -14.45 -21.65 4.47
CA LEU A 131 -15.30 -22.56 3.71
C LEU A 131 -16.57 -22.90 4.48
N GLU A 132 -16.45 -23.09 5.79
CA GLU A 132 -17.62 -23.42 6.59
C GLU A 132 -18.62 -22.26 6.57
N TYR A 133 -18.13 -21.03 6.70
CA TYR A 133 -19.02 -19.87 6.63
C TYR A 133 -19.71 -19.80 5.27
N ALA A 134 -18.95 -20.02 4.19
CA ALA A 134 -19.52 -19.93 2.85
C ALA A 134 -20.56 -21.02 2.63
N ILE A 135 -20.22 -22.27 2.97
CA ILE A 135 -21.13 -23.38 2.72
C ILE A 135 -22.39 -23.23 3.55
N ALA A 136 -22.24 -22.83 4.81
CA ALA A 136 -23.42 -22.66 5.66
C ALA A 136 -24.36 -21.58 5.14
N ASN A 137 -23.86 -20.66 4.30
CA ASN A 137 -24.68 -19.57 3.79
C ASN A 137 -25.18 -19.79 2.36
N ASP A 138 -25.04 -21.01 1.85
CA ASP A 138 -25.69 -21.41 0.60
C ASP A 138 -25.25 -20.52 -0.56
N LEU A 139 -23.96 -20.27 -0.67
CA LEU A 139 -23.49 -19.38 -1.73
C LEU A 139 -23.74 -20.00 -3.09
N TYR A 140 -23.95 -19.12 -4.08
CA TYR A 140 -24.22 -19.56 -5.45
C TYR A 140 -23.04 -20.36 -5.99
N LEU A 141 -21.82 -19.88 -5.76
CA LEU A 141 -20.59 -20.56 -6.16
C LEU A 141 -19.50 -20.32 -5.14
N ILE A 142 -18.72 -21.36 -4.90
CA ILE A 142 -17.42 -21.28 -4.26
C ILE A 142 -16.46 -21.86 -5.28
N ASN A 143 -15.47 -21.08 -5.71
CA ASN A 143 -14.59 -21.67 -6.68
C ASN A 143 -13.65 -22.70 -6.04
N VAL A 144 -13.22 -23.64 -6.85
CA VAL A 144 -12.25 -24.65 -6.43
C VAL A 144 -10.95 -24.26 -7.10
N ASP A 145 -9.97 -23.88 -6.29
CA ASP A 145 -8.71 -23.34 -6.79
C ASP A 145 -7.57 -24.35 -6.77
N SER A 146 -7.67 -25.40 -5.92
CA SER A 146 -6.63 -26.40 -5.78
C SER A 146 -7.23 -27.70 -5.28
N LEU A 147 -6.50 -28.79 -5.50
CA LEU A 147 -6.92 -30.08 -4.96
C LEU A 147 -6.86 -30.10 -3.44
N TYR A 148 -5.89 -29.38 -2.84
CA TYR A 148 -5.84 -29.33 -1.38
C TYR A 148 -7.11 -28.70 -0.81
N GLU A 149 -7.51 -27.56 -1.36
CA GLU A 149 -8.72 -26.90 -0.88
C GLU A 149 -9.94 -27.78 -1.10
N LEU A 150 -9.99 -28.51 -2.21
CA LEU A 150 -11.13 -29.37 -2.49
C LEU A 150 -11.34 -30.41 -1.38
N GLU A 151 -10.25 -30.92 -0.78
CA GLU A 151 -10.39 -31.86 0.35
C GLU A 151 -11.14 -31.22 1.51
N HIS A 152 -10.86 -29.95 1.81
CA HIS A 152 -11.61 -29.25 2.85
C HIS A 152 -13.08 -29.07 2.47
N ILE A 153 -13.35 -28.71 1.21
CA ILE A 153 -14.74 -28.54 0.78
C ILE A 153 -15.53 -29.84 0.96
N ASP A 154 -14.92 -30.97 0.58
CA ASP A 154 -15.57 -32.27 0.76
C ASP A 154 -15.85 -32.54 2.23
N ALA A 155 -14.83 -32.35 3.08
CA ALA A 155 -14.97 -32.66 4.50
C ALA A 155 -16.00 -31.77 5.19
N ILE A 156 -15.98 -30.47 4.88
CA ILE A 156 -16.86 -29.52 5.55
C ILE A 156 -18.31 -29.63 5.04
N SER A 157 -18.51 -29.80 3.73
CA SER A 157 -19.86 -30.05 3.25
C SER A 157 -20.45 -31.32 3.88
N ARG A 158 -19.63 -32.36 4.06
CA ARG A 158 -20.11 -33.57 4.75
C ARG A 158 -20.48 -33.27 6.21
N LYS A 159 -19.65 -32.50 6.90
CA LYS A 159 -19.93 -32.19 8.30
C LYS A 159 -21.23 -31.42 8.46
N LEU A 160 -21.46 -30.43 7.58
CA LEU A 160 -22.66 -29.61 7.62
C LEU A 160 -23.88 -30.30 7.02
N LYS A 161 -23.68 -31.38 6.27
CA LYS A 161 -24.76 -32.01 5.50
C LYS A 161 -25.43 -30.98 4.59
N LYS A 162 -24.62 -30.14 3.96
CA LYS A 162 -25.13 -29.07 3.11
CA LYS A 162 -25.10 -29.04 3.13
C LYS A 162 -24.31 -29.04 1.83
N VAL A 163 -25.00 -28.96 0.71
CA VAL A 163 -24.35 -28.99 -0.60
C VAL A 163 -23.58 -27.70 -0.82
N ALA A 164 -22.31 -27.84 -1.18
CA ALA A 164 -21.47 -26.73 -1.62
C ALA A 164 -21.53 -26.68 -3.14
N ASN A 165 -21.88 -25.51 -3.69
CA ASN A 165 -21.95 -25.34 -5.13
C ASN A 165 -20.62 -24.79 -5.61
N VAL A 166 -19.98 -25.46 -6.57
CA VAL A 166 -18.61 -25.11 -6.92
C VAL A 166 -18.43 -24.92 -8.43
N CYS A 167 -17.45 -24.10 -8.75
CA CYS A 167 -16.92 -24.01 -10.10
CA CYS A 167 -16.91 -23.95 -10.10
C CYS A 167 -15.41 -24.25 -10.00
N VAL A 168 -14.89 -25.05 -10.92
CA VAL A 168 -13.46 -25.42 -10.89
C VAL A 168 -12.70 -24.37 -11.69
N ARG A 169 -11.78 -23.66 -11.03
CA ARG A 169 -11.03 -22.64 -11.73
C ARG A 169 -9.88 -23.28 -12.50
N VAL A 170 -9.84 -23.03 -13.81
CA VAL A 170 -8.81 -23.54 -14.71
C VAL A 170 -8.12 -22.34 -15.30
N GLU A 171 -6.81 -22.29 -15.20
CA GLU A 171 -6.12 -21.18 -15.83
C GLU A 171 -5.41 -21.63 -17.09
N PRO A 172 -5.91 -21.23 -18.27
CA PRO A 172 -5.33 -21.71 -19.53
C PRO A 172 -3.98 -21.09 -19.79
N ASN A 173 -3.13 -21.85 -20.46
CA ASN A 173 -1.86 -21.35 -20.98
C ASN A 173 -2.15 -20.70 -22.32
N VAL A 174 -2.45 -19.40 -22.30
CA VAL A 174 -2.74 -18.66 -23.52
C VAL A 174 -1.63 -17.65 -23.80
N PRO A 175 -0.72 -17.92 -24.76
CA PRO A 175 0.27 -16.94 -25.20
C PRO A 175 -0.24 -16.06 -26.34
N LEU A 182 5.41 -14.23 -20.33
CA LEU A 182 4.74 -14.89 -19.21
C LEU A 182 4.42 -16.35 -19.51
N VAL A 183 4.51 -17.20 -18.48
CA VAL A 183 4.22 -18.62 -18.56
C VAL A 183 3.34 -18.98 -17.38
N THR A 184 2.27 -19.76 -17.63
CA THR A 184 1.23 -19.93 -16.62
C THR A 184 1.78 -20.56 -15.33
N ALA A 185 2.58 -21.63 -15.46
CA ALA A 185 3.08 -22.29 -14.26
C ALA A 185 3.96 -21.36 -13.42
N PHE A 186 4.71 -20.47 -14.07
CA PHE A 186 5.60 -19.57 -13.34
C PHE A 186 4.89 -18.33 -12.82
N HIS A 187 3.84 -17.88 -13.50
CA HIS A 187 3.31 -16.55 -13.24
C HIS A 187 1.85 -16.51 -12.83
N ALA A 188 1.13 -17.63 -12.87
CA ALA A 188 -0.27 -17.67 -12.45
C ALA A 188 -0.39 -18.55 -11.23
N LYS A 189 -0.49 -17.93 -10.05
CA LYS A 189 -0.67 -18.70 -8.83
C LYS A 189 -2.06 -19.34 -8.74
N SER A 190 -3.05 -18.79 -9.46
CA SER A 190 -4.44 -19.17 -9.27
C SER A 190 -4.86 -20.31 -10.17
N GLY A 191 -5.82 -21.08 -9.70
CA GLY A 191 -6.47 -22.06 -10.55
C GLY A 191 -5.68 -23.36 -10.66
N LEU A 192 -6.31 -24.31 -11.34
CA LEU A 192 -5.71 -25.58 -11.69
C LEU A 192 -5.24 -25.54 -13.14
N ASP A 193 -4.31 -26.43 -13.48
CA ASP A 193 -3.94 -26.58 -14.88
C ASP A 193 -5.07 -27.24 -15.64
N LEU A 194 -5.15 -26.94 -16.94
CA LEU A 194 -6.14 -27.59 -17.81
C LEU A 194 -6.09 -29.10 -17.64
N GLU A 195 -4.88 -29.65 -17.59
CA GLU A 195 -4.69 -31.09 -17.49
C GLU A 195 -5.28 -31.69 -16.21
N GLN A 196 -5.53 -30.89 -15.18
CA GLN A 196 -6.08 -31.39 -13.93
C GLN A 196 -7.59 -31.25 -13.85
N ALA A 197 -8.24 -30.61 -14.83
CA ALA A 197 -9.67 -30.35 -14.74
C ALA A 197 -10.48 -31.63 -14.69
N GLU A 198 -10.13 -32.61 -15.54
CA GLU A 198 -10.95 -33.83 -15.62
C GLU A 198 -10.94 -34.58 -14.29
N GLU A 199 -9.77 -34.81 -13.71
CA GLU A 199 -9.77 -35.58 -12.46
C GLU A 199 -10.43 -34.80 -11.33
N THR A 200 -10.26 -33.47 -11.29
CA THR A 200 -10.93 -32.66 -10.29
C THR A 200 -12.44 -32.79 -10.40
N CYS A 201 -12.97 -32.65 -11.63
CA CYS A 201 -14.41 -32.82 -11.83
C CYS A 201 -14.87 -34.22 -11.46
N ARG A 202 -14.08 -35.23 -11.81
CA ARG A 202 -14.39 -36.61 -11.43
C ARG A 202 -14.54 -36.75 -9.93
N ARG A 203 -13.59 -36.19 -9.17
CA ARG A 203 -13.65 -36.28 -7.72
CA ARG A 203 -13.65 -36.29 -7.72
C ARG A 203 -14.91 -35.61 -7.19
N ILE A 204 -15.26 -34.45 -7.73
CA ILE A 204 -16.42 -33.69 -7.25
C ILE A 204 -17.71 -34.47 -7.49
N LEU A 205 -17.84 -35.07 -8.67
CA LEU A 205 -19.08 -35.81 -8.95
C LEU A 205 -19.34 -36.83 -7.87
N ALA A 206 -18.29 -37.52 -7.40
CA ALA A 206 -18.42 -38.57 -6.40
C ALA A 206 -18.67 -38.05 -4.99
N MET A 207 -18.48 -36.76 -4.75
CA MET A 207 -18.68 -36.19 -3.41
C MET A 207 -20.16 -35.96 -3.16
N PRO A 208 -20.70 -36.44 -2.02
CA PRO A 208 -22.16 -36.39 -1.84
C PRO A 208 -22.69 -35.00 -1.63
N TYR A 209 -21.90 -34.09 -1.09
CA TYR A 209 -22.38 -32.74 -0.79
CA TYR A 209 -22.35 -32.74 -0.77
C TYR A 209 -21.61 -31.66 -1.56
N VAL A 210 -21.01 -32.01 -2.68
CA VAL A 210 -20.41 -31.00 -3.56
C VAL A 210 -21.05 -31.11 -4.94
N HIS A 211 -21.56 -29.98 -5.43
CA HIS A 211 -22.28 -29.92 -6.69
C HIS A 211 -21.46 -29.14 -7.69
N LEU A 212 -21.03 -29.81 -8.77
CA LEU A 212 -20.19 -29.20 -9.79
C LEU A 212 -21.06 -28.43 -10.77
N ARG A 213 -20.87 -27.11 -10.82
N ARG A 213 -20.85 -27.11 -10.86
CA ARG A 213 -21.65 -26.21 -11.66
CA ARG A 213 -21.68 -26.29 -11.72
C ARG A 213 -21.01 -25.93 -13.01
C ARG A 213 -21.00 -25.82 -12.99
N GLY A 214 -19.68 -25.88 -13.06
CA GLY A 214 -19.00 -25.50 -14.28
C GLY A 214 -17.56 -25.15 -13.99
N LEU A 215 -16.91 -24.55 -14.98
CA LEU A 215 -15.52 -24.11 -14.89
C LEU A 215 -15.46 -22.59 -14.78
N HIS A 216 -14.32 -22.11 -14.29
CA HIS A 216 -14.10 -20.70 -13.99
C HIS A 216 -12.72 -20.29 -14.46
N MET A 217 -12.62 -19.07 -14.99
N MET A 217 -12.60 -19.03 -14.88
CA MET A 217 -11.31 -18.45 -15.21
CA MET A 217 -11.32 -18.48 -15.30
C MET A 217 -11.43 -16.97 -14.91
C MET A 217 -11.40 -16.97 -15.22
N HIS A 218 -10.27 -16.33 -14.89
CA HIS A 218 -10.19 -14.87 -14.84
C HIS A 218 -8.88 -14.47 -15.50
N VAL A 219 -8.98 -13.65 -16.55
N VAL A 219 -8.94 -13.68 -16.58
CA VAL A 219 -7.87 -13.37 -17.45
CA VAL A 219 -7.74 -13.46 -17.38
C VAL A 219 -6.90 -12.37 -16.83
C VAL A 219 -6.84 -12.40 -16.74
N GLY A 220 -7.41 -11.35 -16.16
CA GLY A 220 -6.58 -10.29 -15.63
C GLY A 220 -7.37 -9.00 -15.50
N ASP A 221 -6.65 -7.90 -15.36
CA ASP A 221 -7.22 -6.59 -15.02
C ASP A 221 -6.82 -5.58 -16.08
N GLN A 222 -7.75 -4.70 -16.44
CA GLN A 222 -7.47 -3.61 -17.38
C GLN A 222 -6.91 -4.16 -18.69
N VAL A 223 -7.61 -5.12 -19.27
CA VAL A 223 -7.06 -5.87 -20.40
C VAL A 223 -7.33 -5.09 -21.68
N PRO A 224 -6.30 -4.78 -22.49
CA PRO A 224 -6.48 -3.81 -23.57
C PRO A 224 -6.75 -4.45 -24.93
N GLU A 225 -7.21 -5.69 -24.93
CA GLU A 225 -7.40 -6.43 -26.18
CA GLU A 225 -7.39 -6.43 -26.17
C GLU A 225 -8.46 -7.50 -25.95
N SER A 226 -9.19 -7.84 -27.02
N SER A 226 -9.20 -7.83 -27.01
CA SER A 226 -10.24 -8.84 -26.94
CA SER A 226 -10.22 -8.85 -26.87
C SER A 226 -9.76 -10.26 -27.19
C SER A 226 -9.66 -10.25 -27.04
N GLU A 227 -8.59 -10.41 -27.82
CA GLU A 227 -8.05 -11.74 -28.08
C GLU A 227 -7.79 -12.60 -26.83
N PRO A 228 -7.24 -12.08 -25.73
CA PRO A 228 -7.03 -12.96 -24.56
C PRO A 228 -8.31 -13.53 -24.00
N PHE A 229 -9.38 -12.73 -23.97
CA PHE A 229 -10.68 -13.24 -23.52
C PHE A 229 -11.19 -14.33 -24.46
N ALA A 230 -11.07 -14.11 -25.77
CA ALA A 230 -11.58 -15.09 -26.73
C ALA A 230 -10.81 -16.41 -26.64
N LYS A 231 -9.47 -16.32 -26.62
CA LYS A 231 -8.67 -17.53 -26.58
C LYS A 231 -8.89 -18.30 -25.28
N ALA A 232 -8.88 -17.58 -24.14
CA ALA A 232 -9.04 -18.25 -22.86
C ALA A 232 -10.43 -18.84 -22.71
N THR A 233 -11.46 -18.09 -23.15
CA THR A 233 -12.81 -18.63 -23.09
C THR A 233 -12.93 -19.88 -23.95
N LYS A 234 -12.33 -19.87 -25.15
CA LYS A 234 -12.38 -21.07 -25.98
C LYS A 234 -11.79 -22.29 -25.26
N VAL A 235 -10.67 -22.10 -24.57
CA VAL A 235 -10.07 -23.22 -23.84
C VAL A 235 -11.05 -23.79 -22.83
N LEU A 236 -11.65 -22.90 -22.03
CA LEU A 236 -12.63 -23.31 -21.03
CA LEU A 236 -12.61 -23.38 -21.04
C LEU A 236 -13.86 -23.95 -21.69
N VAL A 237 -14.30 -23.39 -22.81
CA VAL A 237 -15.46 -23.93 -23.50
C VAL A 237 -15.17 -25.31 -24.06
N ASP A 238 -14.02 -25.46 -24.73
CA ASP A 238 -13.67 -26.76 -25.30
C ASP A 238 -13.58 -27.82 -24.21
N GLU A 239 -12.98 -27.48 -23.06
CA GLU A 239 -12.91 -28.46 -21.98
C GLU A 239 -14.28 -28.73 -21.35
N SER A 240 -15.13 -27.70 -21.25
CA SER A 240 -16.49 -27.93 -20.76
C SER A 240 -17.24 -28.89 -21.68
N ARG A 241 -17.17 -28.67 -22.99
CA ARG A 241 -17.86 -29.55 -23.92
C ARG A 241 -17.33 -30.98 -23.81
N ARG A 242 -16.00 -31.11 -23.70
CA ARG A 242 -15.38 -32.43 -23.62
C ARG A 242 -15.78 -33.15 -22.33
N LEU A 243 -15.76 -32.43 -21.20
CA LEU A 243 -16.12 -33.08 -19.93
C LEU A 243 -17.59 -33.44 -19.87
N GLU A 244 -18.47 -32.66 -20.49
CA GLU A 244 -19.87 -33.08 -20.56
C GLU A 244 -20.00 -34.45 -21.22
N GLU A 245 -19.26 -34.68 -22.30
CA GLU A 245 -19.33 -35.97 -22.98
C GLU A 245 -18.68 -37.08 -22.17
N VAL A 246 -17.48 -36.83 -21.63
N VAL A 246 -17.47 -36.84 -21.68
CA VAL A 246 -16.74 -37.91 -20.99
CA VAL A 246 -16.72 -37.85 -20.95
C VAL A 246 -17.25 -38.23 -19.59
C VAL A 246 -17.48 -38.28 -19.70
N LEU A 247 -17.91 -37.29 -18.91
CA LEU A 247 -18.50 -37.53 -17.61
C LEU A 247 -20.01 -37.73 -17.68
N GLY A 248 -20.62 -37.50 -18.83
CA GLY A 248 -22.06 -37.65 -19.00
C GLY A 248 -22.86 -36.69 -18.14
N ILE A 249 -22.51 -35.40 -18.17
CA ILE A 249 -23.18 -34.39 -17.36
C ILE A 249 -23.51 -33.20 -18.24
N LYS A 250 -24.33 -32.29 -17.71
CA LYS A 250 -24.64 -31.01 -18.35
C LYS A 250 -24.31 -29.91 -17.34
N PHE A 251 -23.36 -29.04 -17.68
CA PHE A 251 -22.97 -27.99 -16.74
C PHE A 251 -24.06 -26.93 -16.64
N ASP A 252 -24.21 -26.36 -15.43
CA ASP A 252 -25.12 -25.22 -15.25
C ASP A 252 -24.59 -23.97 -15.92
N LEU A 253 -23.28 -23.76 -15.88
CA LEU A 253 -22.74 -22.44 -16.16
C LEU A 253 -21.28 -22.53 -16.61
N ILE A 254 -20.78 -21.38 -17.05
CA ILE A 254 -19.36 -21.14 -17.20
C ILE A 254 -19.11 -19.75 -16.65
N ASN A 255 -18.05 -19.59 -15.87
CA ASN A 255 -17.73 -18.31 -15.23
C ASN A 255 -16.46 -17.78 -15.86
N VAL A 256 -16.56 -16.66 -16.58
CA VAL A 256 -15.44 -16.16 -17.38
C VAL A 256 -14.71 -15.01 -16.73
N GLY A 257 -15.07 -14.61 -15.50
CA GLY A 257 -14.26 -13.66 -14.74
C GLY A 257 -14.49 -12.22 -15.16
N GLY A 258 -13.48 -11.40 -14.87
CA GLY A 258 -13.59 -9.97 -15.09
C GLY A 258 -12.54 -9.43 -16.05
N GLY A 259 -12.16 -8.16 -15.88
CA GLY A 259 -11.07 -7.61 -16.64
C GLY A 259 -11.45 -6.58 -17.68
N ILE A 260 -12.73 -6.25 -17.82
CA ILE A 260 -13.11 -5.17 -18.75
C ILE A 260 -12.37 -3.89 -18.36
N PRO A 261 -11.66 -3.24 -19.28
CA PRO A 261 -10.90 -2.04 -18.92
C PRO A 261 -11.79 -0.80 -18.84
N VAL A 262 -11.23 0.22 -18.21
CA VAL A 262 -11.85 1.54 -18.06
C VAL A 262 -10.92 2.57 -18.68
N PRO A 263 -11.43 3.59 -19.39
CA PRO A 263 -10.54 4.64 -19.92
C PRO A 263 -9.97 5.50 -18.80
N TYR A 264 -8.65 5.47 -18.64
CA TYR A 264 -7.96 6.44 -17.78
C TYR A 264 -7.36 7.60 -18.56
N LYS A 265 -7.10 7.41 -19.84
CA LYS A 265 -6.79 8.46 -20.77
C LYS A 265 -7.81 8.35 -21.89
N TYR A 266 -8.32 9.50 -22.34
CA TYR A 266 -9.47 9.50 -23.24
C TYR A 266 -9.12 9.82 -24.68
N ASP A 267 -7.94 10.40 -24.92
CA ASP A 267 -7.57 10.86 -26.25
C ASP A 267 -6.99 9.70 -27.06
N ASP A 268 -7.89 8.76 -27.38
CA ASP A 268 -7.51 7.49 -27.99
C ASP A 268 -6.71 7.68 -29.27
N GLU A 269 -6.96 8.77 -30.00
CA GLU A 269 -6.21 9.04 -31.22
C GLU A 269 -4.71 9.18 -30.95
N ASN A 270 -4.33 9.53 -29.72
CA ASN A 270 -2.94 9.74 -29.36
C ASN A 270 -2.34 8.59 -28.57
N GLY A 271 -3.09 7.53 -28.34
CA GLY A 271 -2.63 6.46 -27.46
C GLY A 271 -2.68 5.11 -28.13
N ASP A 272 -1.78 4.24 -27.67
CA ASP A 272 -1.73 2.84 -28.10
C ASP A 272 -2.01 1.98 -26.88
N PRO A 273 -3.19 1.35 -26.80
CA PRO A 273 -3.52 0.59 -25.58
C PRO A 273 -2.58 -0.55 -25.28
N LEU A 274 -1.93 -1.11 -26.30
CA LEU A 274 -1.02 -2.22 -26.06
C LEU A 274 0.27 -1.76 -25.41
N LYS A 275 0.68 -0.52 -25.66
CA LYS A 275 1.87 0.05 -25.04
C LYS A 275 1.56 0.78 -23.73
N ASP A 276 0.37 1.38 -23.62
CA ASP A 276 -0.01 2.18 -22.46
C ASP A 276 -1.45 1.77 -22.13
N ASN A 277 -1.62 0.86 -21.18
CA ASN A 277 -2.97 0.37 -20.94
C ASN A 277 -3.82 1.33 -20.11
N MET A 278 -3.36 2.57 -19.87
CA MET A 278 -4.31 3.58 -19.40
C MET A 278 -5.33 3.92 -20.47
N TYR A 279 -4.99 3.71 -21.74
CA TYR A 279 -5.99 3.73 -22.79
C TYR A 279 -6.72 2.39 -22.75
N ALA A 280 -8.05 2.44 -22.75
CA ALA A 280 -8.83 1.21 -22.70
C ALA A 280 -8.82 0.60 -24.10
N GLY A 281 -8.29 -0.62 -24.22
CA GLY A 281 -8.14 -1.16 -25.55
C GLY A 281 -9.44 -1.61 -26.18
N ILE A 282 -10.44 -1.93 -25.36
CA ILE A 282 -11.70 -2.51 -25.81
C ILE A 282 -12.81 -1.92 -24.96
N THR A 283 -14.04 -2.24 -25.33
CA THR A 283 -15.22 -1.83 -24.57
C THR A 283 -15.85 -3.07 -23.97
N ALA A 284 -16.87 -2.85 -23.12
CA ALA A 284 -17.64 -3.98 -22.61
C ALA A 284 -18.26 -4.78 -23.75
N GLN A 285 -18.69 -4.12 -24.83
CA GLN A 285 -19.26 -4.83 -25.97
C GLN A 285 -18.24 -5.76 -26.61
N ASP A 286 -16.98 -5.32 -26.70
CA ASP A 286 -15.93 -6.17 -27.25
C ASP A 286 -15.72 -7.40 -26.37
N PHE A 287 -15.68 -7.19 -25.05
CA PHE A 287 -15.54 -8.30 -24.11
C PHE A 287 -16.68 -9.29 -24.29
N ALA A 288 -17.92 -8.77 -24.35
CA ALA A 288 -19.09 -9.64 -24.47
C ALA A 288 -19.07 -10.41 -25.78
N ASP A 289 -18.79 -9.71 -26.89
CA ASP A 289 -18.74 -10.38 -28.19
C ASP A 289 -17.75 -11.53 -28.16
N ALA A 290 -16.57 -11.31 -27.58
CA ALA A 290 -15.55 -12.36 -27.53
C ALA A 290 -16.04 -13.55 -26.72
N VAL A 291 -16.58 -13.28 -25.53
CA VAL A 291 -17.01 -14.35 -24.64
C VAL A 291 -18.21 -15.09 -25.22
N ILE A 292 -19.25 -14.35 -25.59
CA ILE A 292 -20.48 -14.99 -26.04
C ILE A 292 -20.23 -15.83 -27.27
N ARG A 293 -19.47 -15.30 -28.23
CA ARG A 293 -19.19 -16.05 -29.45
C ARG A 293 -18.57 -17.40 -29.13
N GLU A 294 -17.60 -17.43 -28.20
CA GLU A 294 -16.95 -18.69 -27.88
C GLU A 294 -17.91 -19.64 -27.17
N VAL A 295 -18.69 -19.11 -26.22
CA VAL A 295 -19.62 -19.97 -25.48
C VAL A 295 -20.66 -20.58 -26.42
N HIS A 296 -21.18 -19.79 -27.35
CA HIS A 296 -22.24 -20.30 -28.22
C HIS A 296 -21.77 -21.38 -29.19
N LYS A 297 -20.47 -21.55 -29.38
CA LYS A 297 -19.98 -22.69 -30.15
C LYS A 297 -20.22 -24.00 -29.42
N TRP A 298 -20.61 -23.94 -28.16
CA TRP A 298 -20.87 -25.11 -27.34
C TRP A 298 -22.34 -25.19 -26.97
N ARG A 299 -22.86 -24.19 -26.27
CA ARG A 299 -24.26 -24.17 -25.88
C ARG A 299 -24.75 -22.73 -25.86
N THR A 300 -26.00 -22.52 -26.29
CA THR A 300 -26.62 -21.21 -26.18
C THR A 300 -27.46 -21.05 -24.91
N ASP A 301 -27.77 -22.14 -24.22
CA ASP A 301 -28.67 -22.10 -23.07
C ASP A 301 -27.92 -21.98 -21.74
N VAL A 302 -26.65 -22.35 -21.71
CA VAL A 302 -25.89 -22.37 -20.46
C VAL A 302 -25.78 -20.95 -19.90
N GLU A 303 -25.73 -20.84 -18.58
CA GLU A 303 -25.55 -19.54 -17.96
C GLU A 303 -24.09 -19.10 -18.08
N ILE A 304 -23.89 -17.83 -18.46
CA ILE A 304 -22.56 -17.23 -18.42
C ILE A 304 -22.51 -16.32 -17.22
N CYS A 305 -21.56 -16.57 -16.32
CA CYS A 305 -21.27 -15.70 -15.19
C CYS A 305 -20.08 -14.82 -15.53
N ILE A 306 -20.19 -13.54 -15.24
CA ILE A 306 -19.08 -12.60 -15.39
C ILE A 306 -18.83 -11.93 -14.05
N GLU A 307 -17.58 -11.47 -13.86
CA GLU A 307 -17.14 -10.89 -12.59
C GLU A 307 -16.46 -9.53 -12.79
N PRO A 308 -17.13 -8.56 -13.43
CA PRO A 308 -16.50 -7.25 -13.59
C PRO A 308 -16.32 -6.56 -12.25
N GLY A 309 -15.13 -5.98 -12.03
CA GLY A 309 -14.91 -5.14 -10.87
C GLY A 309 -14.70 -3.69 -11.28
N ARG A 310 -13.51 -3.42 -11.82
CA ARG A 310 -13.08 -2.07 -12.20
C ARG A 310 -14.14 -1.32 -13.01
N LYS A 311 -14.72 -1.98 -14.01
CA LYS A 311 -15.66 -1.27 -14.89
C LYS A 311 -16.88 -0.77 -14.14
N VAL A 312 -17.28 -1.45 -13.06
CA VAL A 312 -18.49 -1.03 -12.35
C VAL A 312 -18.30 0.33 -11.68
N THR A 313 -17.17 0.56 -11.02
CA THR A 313 -17.00 1.75 -10.21
C THR A 313 -15.88 2.69 -10.63
N GLY A 314 -14.99 2.29 -11.55
CA GLY A 314 -13.77 3.07 -11.74
C GLY A 314 -14.04 4.51 -12.14
N SER A 315 -14.93 4.72 -13.10
CA SER A 315 -15.25 6.05 -13.58
C SER A 315 -16.17 6.82 -12.65
N ALA A 316 -16.63 6.20 -11.57
CA ALA A 316 -17.74 6.70 -10.77
C ALA A 316 -17.30 7.39 -9.47
N ALA A 317 -16.03 7.73 -9.34
CA ALA A 317 -15.62 8.49 -8.17
C ALA A 317 -14.57 9.53 -8.56
N VAL A 318 -14.50 10.57 -7.73
N VAL A 318 -14.50 10.58 -7.75
CA VAL A 318 -13.45 11.59 -7.82
CA VAL A 318 -13.43 11.56 -7.82
C VAL A 318 -12.80 11.70 -6.45
C VAL A 318 -12.80 11.67 -6.46
N LEU A 319 -11.47 11.81 -6.43
CA LEU A 319 -10.76 12.16 -5.22
C LEU A 319 -10.61 13.67 -5.15
N LEU A 320 -11.08 14.28 -4.05
CA LEU A 320 -10.97 15.73 -3.85
C LEU A 320 -9.95 15.97 -2.76
N THR A 321 -8.94 16.78 -3.06
CA THR A 321 -7.84 17.01 -2.14
C THR A 321 -7.48 18.49 -2.23
N GLU A 322 -7.28 19.12 -1.08
CA GLU A 322 -7.03 20.56 -1.04
C GLU A 322 -5.54 20.84 -1.23
N VAL A 323 -5.25 21.85 -2.05
CA VAL A 323 -3.90 22.40 -2.14
C VAL A 323 -3.61 23.03 -0.78
N SER A 324 -2.65 22.46 -0.05
CA SER A 324 -2.41 22.81 1.34
C SER A 324 -1.09 23.52 1.59
N CYS A 325 -0.19 23.52 0.60
CA CYS A 325 1.05 24.26 0.70
C CYS A 325 1.58 24.43 -0.71
N GLU A 326 2.58 25.29 -0.86
CA GLU A 326 3.18 25.54 -2.15
C GLU A 326 4.62 25.96 -1.90
N LYS A 327 5.48 25.70 -2.86
CA LYS A 327 6.83 26.24 -2.81
C LYS A 327 7.41 26.25 -4.21
N ARG A 328 8.43 27.07 -4.39
CA ARG A 328 9.26 27.08 -5.58
C ARG A 328 10.65 26.62 -5.21
N LYS A 329 11.15 25.61 -5.92
CA LYS A 329 12.52 25.19 -5.76
C LYS A 329 13.29 25.55 -7.01
N THR A 330 14.53 26.01 -6.83
CA THR A 330 15.32 26.50 -7.95
C THR A 330 16.64 25.76 -7.98
N ASN A 331 17.00 25.24 -9.15
CA ASN A 331 18.32 24.66 -9.39
CA ASN A 331 18.33 24.67 -9.38
C ASN A 331 19.24 25.78 -9.91
N TYR A 332 20.34 26.01 -9.20
CA TYR A 332 21.33 27.00 -9.62
C TYR A 332 22.59 26.30 -10.10
N ASP A 333 23.26 26.89 -11.09
CA ASP A 333 24.55 26.38 -11.53
C ASP A 333 25.65 26.80 -10.55
N LEU A 334 26.90 26.45 -10.88
CA LEU A 334 27.99 26.71 -9.95
C LEU A 334 28.36 28.18 -9.86
N ASN A 335 27.82 29.03 -10.72
CA ASN A 335 28.06 30.47 -10.64
C ASN A 335 26.87 31.23 -10.09
N GLY A 336 25.86 30.51 -9.60
CA GLY A 336 24.71 31.13 -9.01
C GLY A 336 23.64 31.54 -9.99
N ASN A 337 23.73 31.12 -11.25
CA ASN A 337 22.70 31.44 -12.24
C ASN A 337 21.63 30.36 -12.23
N VAL A 338 20.38 30.79 -12.47
CA VAL A 338 19.25 29.88 -12.42
C VAL A 338 19.33 28.90 -13.59
N GLU A 339 19.26 27.61 -13.28
CA GLU A 339 19.12 26.57 -14.30
C GLU A 339 17.65 26.22 -14.57
N CYS A 340 16.81 26.14 -13.53
CA CYS A 340 15.38 25.94 -13.72
C CYS A 340 14.67 26.22 -12.39
N HIS A 341 13.39 26.54 -12.48
CA HIS A 341 12.51 26.58 -11.32
C HIS A 341 11.55 25.41 -11.39
N VAL A 342 11.17 24.88 -10.23
CA VAL A 342 10.11 23.88 -10.13
C VAL A 342 9.05 24.42 -9.18
N GLU A 343 7.81 24.49 -9.66
CA GLU A 343 6.69 24.95 -8.84
C GLU A 343 6.04 23.71 -8.22
N TRP A 344 6.22 23.54 -6.92
CA TRP A 344 5.61 22.41 -6.21
C TRP A 344 4.27 22.85 -5.61
N LYS A 345 3.24 22.04 -5.83
CA LYS A 345 1.96 22.19 -5.15
C LYS A 345 1.76 20.95 -4.29
N PHE A 346 1.45 21.15 -3.02
CA PHE A 346 1.25 20.07 -2.07
C PHE A 346 -0.23 19.92 -1.79
N VAL A 347 -0.76 18.73 -2.00
CA VAL A 347 -2.13 18.42 -1.67
C VAL A 347 -2.16 17.55 -0.42
N ASP A 348 -3.34 17.50 0.22
CA ASP A 348 -3.45 16.77 1.46
C ASP A 348 -3.72 15.27 1.27
N ALA A 349 -3.62 14.74 0.05
CA ALA A 349 -3.65 13.31 -0.22
C ALA A 349 -2.34 12.87 -0.86
N GLY A 350 -1.74 11.81 -0.33
CA GLY A 350 -0.57 11.23 -0.94
C GLY A 350 -0.80 9.76 -1.26
N TYR A 351 0.27 8.97 -1.36
CA TYR A 351 0.08 7.59 -1.81
C TYR A 351 -0.62 6.73 -0.77
N SER A 352 -0.71 7.16 0.49
CA SER A 352 -1.49 6.42 1.48
C SER A 352 -2.99 6.55 1.22
N VAL A 353 -3.40 7.53 0.43
CA VAL A 353 -4.80 7.77 0.07
C VAL A 353 -5.11 7.25 -1.32
N LEU A 354 -4.16 7.37 -2.26
CA LEU A 354 -4.35 6.99 -3.67
C LEU A 354 -3.16 6.08 -4.00
N SER A 355 -3.31 4.82 -3.61
CA SER A 355 -2.18 3.89 -3.60
CA SER A 355 -2.16 3.93 -3.59
C SER A 355 -1.64 3.61 -4.99
N ASP A 356 -2.56 3.41 -5.97
CA ASP A 356 -2.08 2.92 -7.27
C ASP A 356 -1.34 3.98 -8.07
N SER A 357 -1.55 5.26 -7.76
CA SER A 357 -0.80 6.33 -8.41
C SER A 357 0.70 6.17 -8.20
N GLN A 358 1.09 5.56 -7.07
CA GLN A 358 2.47 5.32 -6.72
C GLN A 358 2.90 3.89 -7.01
N HIS A 359 2.16 2.91 -6.47
CA HIS A 359 2.65 1.54 -6.49
C HIS A 359 2.43 0.83 -7.81
N PHE A 360 1.52 1.35 -8.65
CA PHE A 360 1.18 0.68 -9.90
C PHE A 360 1.27 1.62 -11.09
N ASP A 361 1.94 2.77 -10.93
CA ASP A 361 2.14 3.70 -12.03
C ASP A 361 0.83 4.02 -12.74
N TRP A 362 -0.22 4.24 -11.96
CA TRP A 362 -1.54 4.44 -12.53
C TRP A 362 -1.76 5.93 -12.79
N PHE A 363 -2.29 6.25 -13.98
CA PHE A 363 -2.61 7.62 -14.35
C PHE A 363 -4.07 7.92 -14.04
N PHE A 364 -4.31 9.09 -13.46
CA PHE A 364 -5.64 9.64 -13.29
C PHE A 364 -5.61 11.10 -13.73
N TYR A 365 -6.63 11.54 -14.45
CA TYR A 365 -6.69 12.96 -14.82
C TYR A 365 -6.71 13.83 -13.56
N VAL A 366 -5.93 14.91 -13.57
CA VAL A 366 -5.82 15.85 -12.46
C VAL A 366 -6.21 17.23 -12.97
N TYR A 367 -7.17 17.86 -12.29
CA TYR A 367 -7.62 19.21 -12.67
C TYR A 367 -7.80 20.04 -11.41
N ASN A 368 -7.73 21.36 -11.57
CA ASN A 368 -8.07 22.27 -10.48
C ASN A 368 -9.60 22.42 -10.51
N ALA A 369 -10.28 21.70 -9.61
CA ALA A 369 -11.74 21.75 -9.57
C ALA A 369 -12.26 23.12 -9.19
N SER A 370 -11.50 23.90 -8.42
CA SER A 370 -11.90 25.26 -8.06
C SER A 370 -11.73 26.25 -9.21
N ARG A 371 -10.95 25.87 -10.23
CA ARG A 371 -10.67 26.76 -11.36
C ARG A 371 -10.80 25.98 -12.65
N MET A 372 -11.92 25.24 -12.77
CA MET A 372 -12.05 24.24 -13.83
C MET A 372 -12.24 24.88 -15.20
N THR A 373 -12.74 26.10 -15.24
CA THR A 373 -12.90 26.80 -16.51
C THR A 373 -11.72 27.68 -16.85
N ALA A 374 -10.64 27.62 -16.08
CA ALA A 374 -9.45 28.43 -16.34
C ALA A 374 -8.45 27.56 -17.09
N ALA A 375 -7.72 28.17 -18.02
CA ALA A 375 -6.65 27.47 -18.72
C ALA A 375 -5.67 26.85 -17.73
N HIS A 376 -5.38 25.58 -17.93
CA HIS A 376 -4.38 24.87 -17.11
C HIS A 376 -3.05 25.04 -17.85
N ASP A 377 -2.37 26.15 -17.57
CA ASP A 377 -1.29 26.65 -18.41
C ASP A 377 0.08 26.69 -17.72
N ALA A 378 0.19 26.10 -16.53
CA ALA A 378 1.45 26.14 -15.79
C ALA A 378 1.89 24.72 -15.49
N TRP A 379 3.13 24.40 -15.82
CA TRP A 379 3.72 23.13 -15.42
C TRP A 379 4.06 23.16 -13.95
N ILE A 380 3.58 22.16 -13.20
CA ILE A 380 3.83 22.04 -11.77
C ILE A 380 4.15 20.59 -11.44
N LYS A 381 4.78 20.39 -10.27
CA LYS A 381 4.90 19.07 -9.67
C LYS A 381 3.95 18.99 -8.47
N LEU A 382 3.28 17.85 -8.36
CA LEU A 382 2.19 17.66 -7.41
C LEU A 382 2.67 16.68 -6.34
N ALA A 383 2.77 17.17 -5.10
CA ALA A 383 3.30 16.38 -4.01
C ALA A 383 2.22 16.07 -2.98
N GLY A 384 2.37 14.92 -2.31
CA GLY A 384 1.52 14.55 -1.20
C GLY A 384 2.11 15.03 0.13
N PRO A 385 1.41 14.72 1.23
CA PRO A 385 1.82 15.21 2.55
C PRO A 385 2.65 14.23 3.38
N LEU A 386 2.99 13.06 2.87
CA LEU A 386 3.75 12.10 3.66
C LEU A 386 5.20 12.55 3.78
N CYS A 387 5.78 12.23 4.92
N CYS A 387 5.79 12.30 4.94
CA CYS A 387 7.18 12.56 5.19
CA CYS A 387 7.17 12.73 5.16
C CYS A 387 8.04 11.48 4.56
C CYS A 387 8.16 11.66 4.69
N ASP A 388 8.14 11.56 3.24
N ASP A 388 8.23 11.43 3.36
CA ASP A 388 8.72 10.51 2.38
CA ASP A 388 8.71 10.50 2.34
C ASP A 388 8.99 11.16 1.04
C ASP A 388 8.89 11.20 1.00
N GLY A 389 10.27 11.22 0.66
N GLY A 389 10.22 11.10 0.70
CA GLY A 389 10.63 11.88 -0.58
CA GLY A 389 10.57 11.83 -0.49
C GLY A 389 9.97 11.30 -1.82
C GLY A 389 9.87 11.33 -1.74
N GLY A 390 9.55 10.03 -1.75
CA GLY A 390 8.86 9.44 -2.89
C GLY A 390 7.38 9.77 -2.99
N ASP A 391 6.80 10.41 -1.96
CA ASP A 391 5.38 10.73 -1.97
C ASP A 391 5.11 12.01 -2.76
N TYR A 392 5.21 11.87 -4.07
CA TYR A 392 4.65 12.84 -4.99
C TYR A 392 4.17 12.06 -6.19
N PHE A 393 3.30 12.69 -6.98
CA PHE A 393 2.59 12.01 -8.06
C PHE A 393 3.46 12.03 -9.30
N HIS A 394 3.96 10.85 -9.70
CA HIS A 394 4.93 10.73 -10.79
CA HIS A 394 4.92 10.80 -10.80
C HIS A 394 4.27 10.55 -12.15
N MET A 395 2.98 10.18 -12.20
CA MET A 395 2.30 9.90 -13.48
C MET A 395 1.65 11.17 -14.00
N GLY A 396 2.51 12.07 -14.52
CA GLY A 396 2.08 13.39 -14.93
C GLY A 396 1.52 13.46 -16.35
N VAL A 397 1.15 14.69 -16.74
CA VAL A 397 0.73 14.99 -18.10
C VAL A 397 1.90 14.86 -19.07
N LYS A 398 3.09 15.28 -18.62
CA LYS A 398 4.31 15.16 -19.41
C LYS A 398 5.40 14.77 -18.41
N GLY A 399 5.86 13.53 -18.50
CA GLY A 399 6.81 13.06 -17.51
C GLY A 399 6.17 13.14 -16.13
N GLU A 400 6.91 13.72 -15.18
CA GLU A 400 6.40 13.90 -13.83
C GLU A 400 5.72 15.25 -13.61
N GLU A 401 5.37 15.97 -14.67
CA GLU A 401 4.81 17.31 -14.53
C GLU A 401 3.33 17.30 -14.88
N PHE A 402 2.55 18.03 -14.10
CA PHE A 402 1.13 18.24 -14.32
C PHE A 402 0.90 19.67 -14.80
N LEU A 403 -0.34 19.94 -15.19
CA LEU A 403 -0.76 21.27 -15.64
C LEU A 403 -1.90 21.75 -14.75
N LEU A 404 -1.73 22.93 -14.16
CA LEU A 404 -2.78 23.59 -13.40
C LEU A 404 -2.77 25.05 -13.81
N PRO A 405 -3.83 25.80 -13.53
CA PRO A 405 -3.78 27.25 -13.80
C PRO A 405 -2.62 27.87 -13.04
N LYS A 406 -1.94 28.82 -13.67
CA LYS A 406 -0.86 29.49 -12.95
C LYS A 406 -1.38 30.22 -11.72
N GLU A 407 -2.66 30.60 -11.72
CA GLU A 407 -3.31 31.28 -10.61
CA GLU A 407 -3.22 31.29 -10.56
C GLU A 407 -3.65 30.35 -9.44
N THR A 408 -3.34 29.05 -9.55
CA THR A 408 -3.65 28.11 -8.48
C THR A 408 -3.12 28.61 -7.12
N HIS A 409 -3.97 28.49 -6.10
CA HIS A 409 -3.79 29.07 -4.78
C HIS A 409 -3.91 27.96 -3.74
N VAL A 410 -3.18 28.09 -2.64
CA VAL A 410 -3.48 27.26 -1.48
C VAL A 410 -4.92 27.48 -1.08
N GLY A 411 -5.65 26.39 -0.84
CA GLY A 411 -7.08 26.45 -0.61
C GLY A 411 -7.89 25.94 -1.77
N ASP A 412 -7.32 25.91 -2.98
CA ASP A 412 -8.04 25.37 -4.12
C ASP A 412 -8.21 23.87 -3.95
N ILE A 413 -9.22 23.31 -4.61
CA ILE A 413 -9.52 21.89 -4.56
C ILE A 413 -9.06 21.26 -5.85
N VAL A 414 -8.15 20.26 -5.75
CA VAL A 414 -7.71 19.46 -6.89
C VAL A 414 -8.57 18.19 -6.98
N ALA A 415 -8.94 17.80 -8.20
CA ALA A 415 -9.72 16.59 -8.42
C ALA A 415 -8.88 15.59 -9.21
N PHE A 416 -8.86 14.33 -8.76
CA PHE A 416 -8.38 13.22 -9.55
C PHE A 416 -9.61 12.48 -10.07
N LEU A 417 -9.73 12.35 -11.39
CA LEU A 417 -10.88 11.65 -11.96
C LEU A 417 -10.65 10.14 -12.00
N ASP A 418 -11.74 9.40 -12.27
CA ASP A 418 -11.66 7.95 -12.47
C ASP A 418 -11.03 7.24 -11.27
N ALA A 419 -11.45 7.66 -10.08
CA ALA A 419 -10.83 7.25 -8.82
C ALA A 419 -11.71 6.30 -8.01
N GLY A 420 -12.53 5.51 -8.71
CA GLY A 420 -13.52 4.66 -8.05
C GLY A 420 -13.19 3.19 -7.90
N ALA A 421 -12.10 2.71 -8.52
CA ALA A 421 -11.75 1.29 -8.48
C ALA A 421 -10.43 1.12 -7.72
N TYR A 422 -10.45 0.26 -6.70
CA TYR A 422 -9.24 -0.15 -5.96
C TYR A 422 -8.58 1.00 -5.21
N THR A 423 -9.37 2.00 -4.79
CA THR A 423 -8.84 3.19 -4.13
C THR A 423 -9.20 3.34 -2.66
N ILE A 424 -10.13 2.54 -2.12
CA ILE A 424 -10.53 2.72 -0.72
C ILE A 424 -9.84 1.73 0.21
N GLU A 425 -10.03 0.43 -0.05
CA GLU A 425 -9.47 -0.58 0.85
C GLU A 425 -7.95 -0.62 0.82
N SER A 426 -7.35 -0.02 -0.20
CA SER A 426 -5.90 0.00 -0.36
C SER A 426 -5.25 1.17 0.35
N GLN A 427 -6.03 1.99 1.06
CA GLN A 427 -5.45 3.10 1.82
C GLN A 427 -4.73 2.58 3.07
N THR A 428 -3.81 3.39 3.58
CA THR A 428 -3.07 3.04 4.79
C THR A 428 -3.10 4.20 5.77
N VAL A 429 -2.68 3.92 7.01
CA VAL A 429 -2.45 4.95 8.02
C VAL A 429 -0.96 5.29 8.16
N PHE A 430 -0.22 5.20 7.05
CA PHE A 430 1.20 5.56 7.11
C PHE A 430 1.34 7.02 7.56
N ASN A 431 2.33 7.29 8.41
CA ASN A 431 2.52 8.58 9.10
C ASN A 431 1.37 8.88 10.06
N ASN A 432 0.48 7.91 10.33
N ASN A 432 0.50 7.90 10.33
CA ASN A 432 -0.74 8.16 11.10
CA ASN A 432 -0.78 8.12 11.04
C ASN A 432 -1.62 9.25 10.48
C ASN A 432 -1.56 9.29 10.45
N ARG A 433 -1.55 9.40 9.14
CA ARG A 433 -2.60 10.19 8.50
C ARG A 433 -3.81 9.27 8.34
N PRO A 434 -5.02 9.77 8.57
CA PRO A 434 -6.19 8.91 8.52
C PRO A 434 -6.56 8.45 7.10
N ARG A 435 -7.14 7.26 7.03
CA ARG A 435 -7.84 6.88 5.81
C ARG A 435 -9.06 7.78 5.65
N THR A 436 -9.47 7.99 4.40
CA THR A 436 -10.36 9.11 4.09
C THR A 436 -11.83 8.79 4.32
N GLY A 437 -12.58 9.88 4.53
CA GLY A 437 -14.02 9.80 4.37
C GLY A 437 -14.42 9.50 2.94
N VAL A 438 -15.66 9.04 2.78
CA VAL A 438 -16.24 8.79 1.46
C VAL A 438 -17.64 9.34 1.44
N VAL A 439 -17.97 10.11 0.40
CA VAL A 439 -19.29 10.70 0.20
C VAL A 439 -19.93 10.05 -1.01
N MET A 440 -21.27 9.95 -0.99
CA MET A 440 -22.04 9.36 -2.09
CA MET A 440 -22.04 9.37 -2.08
C MET A 440 -23.03 10.39 -2.62
N ILE A 441 -23.08 10.52 -3.95
CA ILE A 441 -24.12 11.27 -4.63
C ILE A 441 -25.16 10.26 -5.05
N ASP A 442 -26.40 10.40 -4.56
CA ASP A 442 -27.42 9.40 -4.87
C ASP A 442 -28.12 9.70 -6.20
N LYS A 443 -29.10 8.87 -6.55
CA LYS A 443 -29.80 9.02 -7.81
C LYS A 443 -30.52 10.36 -7.92
N ASN A 444 -30.86 10.98 -6.79
CA ASN A 444 -31.51 12.28 -6.79
C ASN A 444 -30.53 13.44 -6.82
N GLY A 445 -29.22 13.17 -6.81
CA GLY A 445 -28.27 14.25 -6.77
C GLY A 445 -27.94 14.76 -5.38
N ASP A 446 -28.45 14.08 -4.33
CA ASP A 446 -28.18 14.49 -2.96
C ASP A 446 -26.95 13.75 -2.45
N THR A 447 -26.23 14.39 -1.53
CA THR A 447 -24.99 13.83 -1.00
C THR A 447 -25.15 13.36 0.44
N ARG A 448 -24.38 12.34 0.80
CA ARG A 448 -24.32 11.88 2.18
C ARG A 448 -22.98 11.24 2.44
N LEU A 449 -22.54 11.31 3.69
CA LEU A 449 -21.32 10.62 4.08
C LEU A 449 -21.59 9.13 4.18
N ILE A 450 -20.76 8.31 3.53
CA ILE A 450 -20.90 6.85 3.64
C ILE A 450 -19.72 6.17 4.30
N ARG A 451 -18.62 6.87 4.52
CA ARG A 451 -17.53 6.36 5.37
C ARG A 451 -16.94 7.56 6.09
N ARG A 452 -16.73 7.43 7.40
CA ARG A 452 -16.08 8.52 8.10
C ARG A 452 -14.59 8.48 7.86
N GLU A 453 -13.95 9.64 8.05
CA GLU A 453 -12.50 9.67 8.17
C GLU A 453 -12.07 8.96 9.43
N ASP A 454 -10.98 8.18 9.36
CA ASP A 454 -10.44 7.59 10.58
C ASP A 454 -10.17 8.68 11.61
N SER A 455 -10.58 8.42 12.86
CA SER A 455 -10.32 9.38 13.92
C SER A 455 -9.00 9.05 14.62
N TYR A 456 -8.55 9.95 15.50
CA TYR A 456 -7.40 9.61 16.34
C TYR A 456 -7.67 8.35 17.14
N GLU A 457 -8.85 8.28 17.77
CA GLU A 457 -9.16 7.12 18.58
CA GLU A 457 -9.24 7.12 18.57
C GLU A 457 -9.16 5.84 17.74
N ASP A 458 -9.82 5.87 16.59
N ASP A 458 -9.36 5.95 16.41
CA ASP A 458 -9.95 4.67 15.77
CA ASP A 458 -9.12 4.83 15.51
C ASP A 458 -8.57 4.07 15.55
C ASP A 458 -7.64 4.49 15.37
N MET A 459 -7.59 4.92 15.27
N MET A 459 -6.74 5.46 15.52
CA MET A 459 -6.26 4.46 14.91
CA MET A 459 -5.31 5.18 15.33
C MET A 459 -5.47 3.92 16.11
C MET A 459 -4.77 4.28 16.42
N VAL A 460 -5.72 4.43 17.31
N VAL A 460 -5.30 4.39 17.64
CA VAL A 460 -4.96 3.94 18.47
CA VAL A 460 -4.76 3.69 18.80
C VAL A 460 -5.65 2.80 19.21
C VAL A 460 -5.67 2.62 19.35
N LYS A 461 -6.95 2.60 18.98
CA LYS A 461 -7.71 1.63 19.74
CA LYS A 461 -7.86 1.63 19.59
C LYS A 461 -7.44 0.19 19.33
N TYR A 462 -6.74 -0.06 18.23
CA TYR A 462 -6.29 -1.43 17.97
C TYR A 462 -5.12 -1.84 18.85
N ASP A 463 -4.40 -0.87 19.41
CA ASP A 463 -3.22 -1.14 20.21
C ASP A 463 -3.60 -1.45 21.65
N ILE A 464 -2.81 -2.30 22.28
CA ILE A 464 -3.00 -2.69 23.68
C ILE A 464 -1.81 -2.14 24.43
N TYR A 465 -2.08 -1.17 25.29
CA TYR A 465 -1.01 -0.49 26.04
C TYR A 465 -1.55 0.06 27.36
N LEU A 466 -0.68 0.20 28.36
CA LEU A 466 -1.08 0.79 29.64
C LEU A 466 -1.16 2.30 29.43
N ALA A 467 -2.31 2.87 29.76
CA ALA A 467 -2.61 4.27 29.40
C ALA A 467 -1.69 5.22 30.17
N MET B 1 25.58 -21.00 -10.98
CA MET B 1 25.18 -22.30 -10.45
C MET B 1 24.13 -22.14 -9.35
N THR B 2 23.06 -22.94 -9.44
CA THR B 2 22.03 -22.90 -8.41
C THR B 2 22.37 -23.78 -7.21
N ASP B 3 23.17 -24.83 -7.40
CA ASP B 3 23.65 -25.59 -6.24
C ASP B 3 24.46 -24.70 -5.30
N SER B 4 25.30 -23.83 -5.87
CA SER B 4 26.05 -22.86 -5.07
C SER B 4 25.12 -21.87 -4.37
N ILE B 5 24.07 -21.42 -5.06
CA ILE B 5 23.09 -20.53 -4.43
C ILE B 5 22.40 -21.26 -3.27
N MET B 6 22.02 -22.52 -3.49
CA MET B 6 21.39 -23.30 -2.43
C MET B 6 22.36 -23.56 -1.28
N GLN B 7 23.62 -23.86 -1.59
CA GLN B 7 24.61 -24.03 -0.52
C GLN B 7 24.80 -22.74 0.25
N ASN B 8 24.92 -21.60 -0.45
CA ASN B 8 25.09 -20.32 0.23
C ASN B 8 23.89 -20.00 1.11
N TYR B 9 22.67 -20.27 0.61
CA TYR B 9 21.49 -19.93 1.40
C TYR B 9 21.42 -20.78 2.67
N ASN B 10 21.82 -22.05 2.57
CA ASN B 10 21.77 -22.92 3.75
C ASN B 10 22.87 -22.59 4.74
N GLN B 11 24.02 -22.09 4.28
CA GLN B 11 24.99 -21.51 5.20
C GLN B 11 24.41 -20.31 5.94
N LEU B 12 23.68 -19.44 5.22
CA LEU B 12 23.00 -18.33 5.89
C LEU B 12 21.99 -18.85 6.90
N ARG B 13 21.24 -19.90 6.55
CA ARG B 13 20.25 -20.46 7.48
C ARG B 13 20.92 -20.92 8.77
N GLU B 14 22.04 -21.63 8.65
CA GLU B 14 22.76 -22.11 9.82
C GLU B 14 23.30 -20.95 10.64
N GLN B 15 23.68 -19.85 9.98
CA GLN B 15 24.18 -18.71 10.73
CA GLN B 15 24.18 -18.68 10.71
C GLN B 15 23.07 -18.01 11.51
N VAL B 16 21.83 -18.07 11.03
CA VAL B 16 20.71 -17.50 11.78
C VAL B 16 20.58 -18.19 13.13
N ILE B 17 20.55 -19.53 13.13
CA ILE B 17 20.31 -20.29 14.35
C ILE B 17 21.58 -20.60 15.13
N ASN B 18 22.76 -20.28 14.58
CA ASN B 18 24.04 -20.51 15.23
C ASN B 18 24.98 -19.38 14.80
N GLY B 19 24.72 -18.16 15.31
CA GLY B 19 25.61 -17.04 15.09
C GLY B 19 24.95 -15.70 15.31
N ASP B 20 23.64 -15.65 15.12
CA ASP B 20 22.90 -14.40 15.18
C ASP B 20 22.49 -14.08 16.61
N ARG B 21 22.69 -12.83 17.04
CA ARG B 21 22.38 -12.47 18.41
C ARG B 21 20.90 -12.58 18.74
N ARG B 22 20.02 -12.63 17.73
CA ARG B 22 18.57 -12.64 17.91
C ARG B 22 17.98 -14.03 18.05
N PHE B 23 18.62 -15.04 17.48
CA PHE B 23 17.92 -16.28 17.19
C PHE B 23 18.66 -17.51 17.71
N GLN B 24 17.87 -18.56 17.96
CA GLN B 24 18.36 -19.87 18.40
C GLN B 24 17.44 -20.91 17.77
N HIS B 25 17.61 -22.17 18.17
CA HIS B 25 16.67 -23.20 17.74
C HIS B 25 16.32 -24.10 18.92
N LYS B 26 15.12 -24.67 18.86
CA LYS B 26 14.66 -25.58 19.89
C LYS B 26 13.55 -26.41 19.27
N ASP B 27 13.60 -27.72 19.47
CA ASP B 27 12.56 -28.61 18.94
C ASP B 27 12.46 -28.52 17.41
N GLY B 28 13.57 -28.19 16.75
CA GLY B 28 13.59 -28.04 15.32
C GLY B 28 13.04 -26.72 14.83
N HIS B 29 12.74 -25.80 15.74
CA HIS B 29 12.01 -24.57 15.44
C HIS B 29 12.90 -23.35 15.62
N LEU B 30 12.63 -22.31 14.84
CA LEU B 30 13.28 -21.03 15.02
C LEU B 30 12.80 -20.39 16.31
N CYS B 31 13.76 -19.92 17.13
CA CYS B 31 13.47 -19.18 18.35
C CYS B 31 14.02 -17.77 18.21
N PHE B 32 13.28 -16.81 18.76
CA PHE B 32 13.63 -15.39 18.76
C PHE B 32 13.68 -15.00 20.22
N GLU B 33 14.86 -14.59 20.72
CA GLU B 33 15.01 -14.26 22.13
C GLU B 33 14.53 -15.39 23.02
N GLY B 34 14.74 -16.64 22.58
CA GLY B 34 14.36 -17.82 23.34
C GLY B 34 12.91 -18.24 23.19
N VAL B 35 12.10 -17.50 22.43
CA VAL B 35 10.70 -17.82 22.21
C VAL B 35 10.58 -18.66 20.94
N ASP B 36 10.09 -19.89 21.09
CA ASP B 36 9.81 -20.76 19.95
C ASP B 36 8.73 -20.15 19.09
N LEU B 37 9.07 -19.82 17.84
CA LEU B 37 8.13 -19.07 16.99
C LEU B 37 7.07 -19.97 16.37
N ASP B 38 7.36 -21.28 16.23
CA ASP B 38 6.30 -22.21 15.86
C ASP B 38 5.25 -22.26 16.95
N ALA B 39 5.70 -22.44 18.20
CA ALA B 39 4.77 -22.49 19.32
C ALA B 39 4.00 -21.19 19.44
N LEU B 40 4.68 -20.05 19.28
CA LEU B 40 3.99 -18.77 19.39
C LEU B 40 2.88 -18.65 18.36
N ALA B 41 3.14 -19.12 17.13
CA ALA B 41 2.13 -19.06 16.07
C ALA B 41 1.02 -20.08 16.24
N ARG B 42 1.11 -20.97 17.24
CA ARG B 42 -0.04 -21.79 17.62
C ARG B 42 -0.87 -21.12 18.71
N GLN B 43 -0.35 -20.08 19.35
CA GLN B 43 -1.07 -19.38 20.39
CA GLN B 43 -1.06 -19.38 20.40
C GLN B 43 -1.83 -18.18 19.87
N TYR B 44 -1.32 -17.54 18.82
CA TYR B 44 -1.90 -16.37 18.19
C TYR B 44 -2.21 -16.69 16.73
N PRO B 45 -3.35 -16.24 16.21
CA PRO B 45 -3.70 -16.53 14.81
C PRO B 45 -2.77 -15.81 13.84
N THR B 46 -2.26 -16.57 12.87
CA THR B 46 -1.43 -16.00 11.81
C THR B 46 -2.31 -15.32 10.77
N PRO B 47 -1.75 -14.37 10.01
CA PRO B 47 -0.38 -13.84 10.13
C PRO B 47 -0.27 -12.79 11.21
N PHE B 48 0.88 -12.70 11.88
CA PHE B 48 1.13 -11.62 12.82
C PHE B 48 2.63 -11.33 12.85
N TYR B 49 2.94 -10.12 13.32
CA TYR B 49 4.33 -9.72 13.51
C TYR B 49 4.69 -9.89 14.98
N VAL B 50 5.91 -10.34 15.24
N VAL B 50 5.94 -10.28 15.23
CA VAL B 50 6.42 -10.37 16.61
CA VAL B 50 6.49 -10.41 16.57
C VAL B 50 7.65 -9.50 16.70
C VAL B 50 7.68 -9.48 16.68
N PHE B 51 7.64 -8.57 17.64
CA PHE B 51 8.74 -7.63 17.88
C PHE B 51 9.57 -8.10 19.08
N SER B 52 10.84 -7.70 19.09
CA SER B 52 11.75 -8.03 20.19
C SER B 52 12.19 -6.73 20.85
N GLU B 53 11.75 -6.51 22.09
CA GLU B 53 12.30 -5.40 22.86
C GLU B 53 13.81 -5.53 23.04
N PRO B 54 14.38 -6.70 23.33
CA PRO B 54 15.84 -6.80 23.42
C PRO B 54 16.56 -6.33 22.15
N GLU B 55 16.08 -6.67 20.97
CA GLU B 55 16.76 -6.26 19.75
C GLU B 55 16.61 -4.76 19.49
N ILE B 56 15.44 -4.17 19.79
CA ILE B 56 15.32 -2.72 19.72
C ILE B 56 16.38 -2.05 20.59
N ILE B 57 16.57 -2.56 21.80
CA ILE B 57 17.57 -2.01 22.71
C ILE B 57 18.96 -2.15 22.13
N ARG B 58 19.27 -3.30 21.51
CA ARG B 58 20.59 -3.48 20.92
C ARG B 58 20.82 -2.48 19.79
N ASN B 59 19.80 -2.26 18.96
CA ASN B 59 19.92 -1.32 17.85
C ASN B 59 20.15 0.11 18.35
N ILE B 60 19.41 0.51 19.38
CA ILE B 60 19.60 1.84 19.96
C ILE B 60 21.00 1.97 20.55
N HIS B 61 21.50 0.90 21.19
CA HIS B 61 22.86 0.92 21.72
C HIS B 61 23.88 1.14 20.60
N GLU B 62 23.72 0.43 19.48
N GLU B 62 23.71 0.46 19.46
CA GLU B 62 24.62 0.63 18.35
CA GLU B 62 24.65 0.64 18.36
C GLU B 62 24.62 2.09 17.91
C GLU B 62 24.62 2.08 17.84
N ILE B 63 23.44 2.70 17.82
CA ILE B 63 23.34 4.08 17.35
C ILE B 63 24.01 5.02 18.34
N GLN B 64 23.71 4.84 19.62
CA GLN B 64 24.24 5.77 20.61
C GLN B 64 25.73 5.58 20.81
N GLN B 65 26.19 4.33 20.81
CA GLN B 65 27.63 4.08 20.92
C GLN B 65 28.38 4.70 19.74
N ALA B 66 27.77 4.66 18.54
CA ALA B 66 28.41 5.25 17.37
C ALA B 66 28.72 6.73 17.57
N PHE B 67 27.92 7.43 18.39
CA PHE B 67 28.09 8.85 18.62
C PHE B 67 28.91 9.18 19.87
N ALA B 68 29.71 8.22 20.36
CA ALA B 68 30.49 8.43 21.57
C ALA B 68 31.42 9.64 21.47
N ALA B 69 31.94 9.95 20.28
CA ALA B 69 32.86 11.06 20.13
C ALA B 69 32.18 12.43 20.28
N HIS B 70 30.85 12.47 20.35
CA HIS B 70 30.10 13.72 20.48
C HIS B 70 29.09 13.56 21.61
N LYS B 71 29.42 14.08 22.79
CA LYS B 71 28.57 13.91 23.96
C LYS B 71 27.15 14.47 23.74
N ASN B 72 27.04 15.68 23.20
N ASN B 72 27.06 15.64 23.15
CA ASN B 72 25.75 16.34 23.08
CA ASN B 72 25.79 16.35 23.03
C ASN B 72 25.02 15.88 21.81
C ASN B 72 25.00 15.88 21.80
N THR B 73 24.61 14.61 21.79
CA THR B 73 23.82 14.03 20.71
C THR B 73 22.43 13.67 21.22
N LYS B 74 21.40 14.05 20.48
CA LYS B 74 20.02 13.75 20.86
C LYS B 74 19.43 12.88 19.77
N THR B 75 18.87 11.74 20.14
CA THR B 75 18.41 10.74 19.17
C THR B 75 16.88 10.67 19.18
N PHE B 76 16.27 10.91 18.01
CA PHE B 76 14.81 10.91 17.86
C PHE B 76 14.41 9.77 16.94
N PHE B 77 13.72 8.78 17.49
CA PHE B 77 13.22 7.70 16.66
C PHE B 77 12.14 8.20 15.70
N ALA B 78 12.32 7.95 14.40
CA ALA B 78 11.37 8.42 13.39
C ALA B 78 10.14 7.52 13.47
N SER B 79 9.09 8.01 14.15
N SER B 79 9.09 7.98 14.16
CA SER B 79 7.96 7.17 14.52
CA SER B 79 8.01 7.07 14.52
C SER B 79 7.21 6.60 13.32
C SER B 79 7.16 6.62 13.33
N LYS B 80 7.32 7.23 12.15
CA LYS B 80 6.66 6.67 10.96
CA LYS B 80 6.66 6.68 10.96
C LYS B 80 7.17 5.28 10.62
N THR B 81 8.32 4.89 11.14
CA THR B 81 8.86 3.54 10.94
C THR B 81 7.96 2.48 11.60
N CYS B 82 7.43 2.82 12.79
CA CYS B 82 6.54 1.92 13.53
C CYS B 82 6.03 2.65 14.75
N SER B 83 4.71 2.84 14.84
CA SER B 83 4.12 3.63 15.93
C SER B 83 3.11 2.82 16.73
N VAL B 84 3.16 1.48 16.65
CA VAL B 84 2.37 0.69 17.59
C VAL B 84 2.78 1.10 18.99
N MET B 85 1.78 1.35 19.85
CA MET B 85 2.08 1.99 21.14
C MET B 85 3.09 1.20 21.96
N GLY B 86 2.97 -0.13 21.99
CA GLY B 86 3.94 -0.92 22.73
C GLY B 86 5.36 -0.82 22.18
N VAL B 87 5.49 -0.60 20.86
CA VAL B 87 6.81 -0.40 20.28
C VAL B 87 7.37 0.97 20.68
N LEU B 88 6.53 2.00 20.58
CA LEU B 88 6.92 3.33 21.05
C LEU B 88 7.31 3.30 22.53
N LYS B 89 6.58 2.57 23.34
CA LYS B 89 6.89 2.48 24.76
C LYS B 89 8.26 1.85 24.99
N ALA B 90 8.60 0.79 24.25
CA ALA B 90 9.91 0.17 24.38
C ALA B 90 11.01 1.17 24.04
N ILE B 91 10.77 1.98 23.00
CA ILE B 91 11.75 2.95 22.58
C ILE B 91 11.88 4.07 23.59
N ARG B 92 10.75 4.56 24.13
CA ARG B 92 10.78 5.55 25.19
C ARG B 92 11.56 5.05 26.42
N ASP B 93 11.25 3.83 26.86
CA ASP B 93 11.90 3.25 28.03
C ASP B 93 13.38 2.98 27.78
N ALA B 94 13.79 2.81 26.52
CA ALA B 94 15.20 2.65 26.20
C ALA B 94 15.97 3.96 26.26
N GLY B 95 15.28 5.09 26.40
CA GLY B 95 15.93 6.33 26.76
C GLY B 95 16.13 7.34 25.65
N ILE B 96 15.54 7.14 24.45
CA ILE B 96 15.71 8.13 23.39
C ILE B 96 14.43 8.92 23.16
N CYS B 97 14.46 9.81 22.17
CA CYS B 97 13.35 10.72 21.88
C CYS B 97 12.58 10.24 20.65
N ALA B 98 11.66 11.09 20.16
CA ALA B 98 10.71 10.69 19.11
C ALA B 98 10.57 11.80 18.07
N GLU B 99 10.58 11.40 16.80
CA GLU B 99 10.26 12.27 15.69
C GLU B 99 8.90 11.85 15.15
N ALA B 100 8.06 12.83 14.82
CA ALA B 100 6.68 12.62 14.42
C ALA B 100 6.42 13.33 13.11
N ASN B 101 5.42 12.79 12.39
N ASN B 101 5.49 12.79 12.30
CA ASN B 101 5.22 13.06 10.97
CA ASN B 101 5.27 13.34 10.96
C ASN B 101 3.77 13.41 10.68
C ASN B 101 3.84 13.78 10.70
N SER B 102 2.98 13.75 11.71
CA SER B 102 1.61 14.19 11.58
C SER B 102 1.13 14.61 12.97
N GLN B 103 0.00 15.32 13.01
CA GLN B 103 -0.62 15.67 14.27
C GLN B 103 -0.90 14.43 15.12
N TYR B 104 -1.43 13.36 14.51
CA TYR B 104 -1.78 12.19 15.29
C TYR B 104 -0.52 11.47 15.80
N GLU B 105 0.58 11.51 15.04
CA GLU B 105 1.82 10.94 15.55
C GLU B 105 2.33 11.73 16.74
N VAL B 106 2.24 13.07 16.68
CA VAL B 106 2.62 13.88 17.83
C VAL B 106 1.80 13.47 19.04
N ARG B 107 0.49 13.37 18.86
CA ARG B 107 -0.42 13.04 19.96
C ARG B 107 -0.11 11.68 20.55
N LYS B 108 0.12 10.67 19.71
CA LYS B 108 0.40 9.34 20.27
CA LYS B 108 0.43 9.32 20.21
C LYS B 108 1.74 9.30 20.99
N CYS B 109 2.73 10.05 20.50
CA CYS B 109 4.00 10.13 21.21
C CYS B 109 3.81 10.78 22.58
N LEU B 110 3.04 11.86 22.64
CA LEU B 110 2.73 12.45 23.94
C LEU B 110 1.96 11.47 24.82
N GLU B 111 0.96 10.77 24.26
N GLU B 111 1.00 10.75 24.25
CA GLU B 111 0.17 9.85 25.06
CA GLU B 111 0.16 9.88 25.07
C GLU B 111 1.03 8.76 25.67
C GLU B 111 0.88 8.61 25.55
N ILE B 112 1.96 8.20 24.89
CA ILE B 112 2.76 7.06 25.38
C ILE B 112 3.84 7.50 26.35
N GLY B 113 4.08 8.81 26.47
CA GLY B 113 4.95 9.30 27.53
C GLY B 113 6.16 10.09 27.07
N PHE B 114 6.36 10.33 25.78
CA PHE B 114 7.38 11.28 25.37
C PHE B 114 6.93 12.68 25.76
N ARG B 115 7.82 13.43 26.42
CA ARG B 115 7.53 14.81 26.74
CA ARG B 115 7.53 14.81 26.74
C ARG B 115 7.61 15.66 25.48
N GLY B 116 6.98 16.84 25.54
CA GLY B 116 7.09 17.76 24.42
C GLY B 116 8.53 18.04 24.03
N ASP B 117 9.41 18.21 25.02
CA ASP B 117 10.82 18.47 24.76
C ASP B 117 11.58 17.27 24.23
N GLN B 118 10.89 16.15 24.01
CA GLN B 118 11.48 14.98 23.39
C GLN B 118 10.91 14.72 22.01
N ILE B 119 10.20 15.68 21.42
CA ILE B 119 9.47 15.43 20.17
C ILE B 119 9.87 16.45 19.12
N VAL B 120 10.20 15.99 17.92
N VAL B 120 10.19 15.96 17.93
CA VAL B 120 10.38 16.87 16.77
CA VAL B 120 10.42 16.75 16.72
C VAL B 120 9.33 16.52 15.74
C VAL B 120 9.25 16.48 15.78
N PHE B 121 8.65 17.54 15.23
CA PHE B 121 7.53 17.42 14.30
C PHE B 121 8.01 17.90 12.93
N ASN B 122 8.10 16.97 11.99
CA ASN B 122 8.49 17.28 10.62
C ASN B 122 7.32 17.11 9.67
N GLY B 123 7.40 17.80 8.55
CA GLY B 123 6.42 17.61 7.51
C GLY B 123 6.41 18.68 6.44
N VAL B 124 5.90 18.32 5.26
CA VAL B 124 5.73 19.28 4.16
C VAL B 124 4.36 19.93 4.16
N VAL B 125 3.38 19.33 4.83
CA VAL B 125 2.02 19.86 4.92
C VAL B 125 1.68 19.84 6.41
N LYS B 126 1.92 20.96 7.08
CA LYS B 126 1.56 21.13 8.49
C LYS B 126 0.47 22.21 8.47
N LYS B 127 -0.79 21.76 8.51
CA LYS B 127 -1.89 22.70 8.43
C LYS B 127 -2.01 23.49 9.74
N PRO B 128 -2.73 24.62 9.71
CA PRO B 128 -2.89 25.40 10.95
C PRO B 128 -3.27 24.56 12.17
N ALA B 129 -4.21 23.63 12.03
CA ALA B 129 -4.60 22.83 13.19
C ALA B 129 -3.44 21.97 13.67
N ASP B 130 -2.62 21.46 12.75
CA ASP B 130 -1.45 20.68 13.14
C ASP B 130 -0.45 21.55 13.89
N LEU B 131 -0.21 22.76 13.39
CA LEU B 131 0.76 23.64 14.00
C LEU B 131 0.29 24.11 15.35
N GLU B 132 -1.01 24.40 15.47
CA GLU B 132 -1.55 24.85 16.74
C GLU B 132 -1.40 23.78 17.81
N TYR B 133 -1.71 22.53 17.45
CA TYR B 133 -1.53 21.44 18.41
C TYR B 133 -0.07 21.31 18.83
N ALA B 134 0.85 21.36 17.87
CA ALA B 134 2.26 21.20 18.18
C ALA B 134 2.78 22.34 19.06
N ILE B 135 2.41 23.58 18.71
CA ILE B 135 2.92 24.71 19.46
C ILE B 135 2.37 24.72 20.88
N ALA B 136 1.09 24.35 21.03
CA ALA B 136 0.47 24.29 22.35
C ALA B 136 1.14 23.26 23.24
N ASN B 137 1.82 22.27 22.65
CA ASN B 137 2.45 21.19 23.40
C ASN B 137 3.96 21.37 23.56
N ASP B 138 4.49 22.56 23.23
CA ASP B 138 5.87 22.93 23.58
C ASP B 138 6.87 21.93 23.00
N LEU B 139 6.69 21.60 21.72
CA LEU B 139 7.57 20.61 21.11
C LEU B 139 9.00 21.13 21.05
N TYR B 140 9.95 20.20 21.16
CA TYR B 140 11.36 20.54 21.10
C TYR B 140 11.70 21.20 19.77
N LEU B 141 11.16 20.67 18.67
CA LEU B 141 11.34 21.23 17.34
C LEU B 141 10.10 21.03 16.50
N ILE B 142 9.79 22.04 15.70
CA ILE B 142 8.91 21.94 14.53
C ILE B 142 9.76 22.35 13.36
N ASN B 143 9.91 21.47 12.38
CA ASN B 143 10.77 21.95 11.31
C ASN B 143 10.01 22.95 10.43
N VAL B 144 10.78 23.76 9.72
CA VAL B 144 10.22 24.73 8.79
C VAL B 144 10.57 24.24 7.40
N ASP B 145 9.54 23.84 6.66
CA ASP B 145 9.74 23.22 5.36
C ASP B 145 9.54 24.19 4.22
N SER B 146 8.80 25.29 4.43
CA SER B 146 8.48 26.22 3.35
C SER B 146 8.21 27.58 3.95
N LEU B 147 8.33 28.60 3.10
CA LEU B 147 8.00 29.96 3.52
C LEU B 147 6.51 30.09 3.82
N TYR B 148 5.66 29.41 3.05
CA TYR B 148 4.23 29.46 3.30
C TYR B 148 3.91 28.94 4.70
N GLU B 149 4.44 27.78 5.04
CA GLU B 149 4.23 27.21 6.36
C GLU B 149 4.73 28.14 7.46
N LEU B 150 5.89 28.76 7.24
CA LEU B 150 6.45 29.67 8.24
C LEU B 150 5.49 30.80 8.60
N GLU B 151 4.71 31.31 7.64
CA GLU B 151 3.73 32.37 7.95
C GLU B 151 2.68 31.87 8.94
N HIS B 152 2.24 30.62 8.80
CA HIS B 152 1.30 30.06 9.78
C HIS B 152 1.97 29.90 11.14
N ILE B 153 3.24 29.47 11.18
CA ILE B 153 3.93 29.35 12.47
C ILE B 153 3.99 30.70 13.19
N ASP B 154 4.34 31.75 12.46
CA ASP B 154 4.40 33.08 13.07
C ASP B 154 3.03 33.49 13.60
N ALA B 155 1.98 33.35 12.77
CA ALA B 155 0.66 33.83 13.17
C ALA B 155 0.12 33.03 14.35
N ILE B 156 0.35 31.72 14.36
CA ILE B 156 -0.25 30.88 15.40
C ILE B 156 0.50 31.01 16.72
N SER B 157 1.83 31.06 16.67
CA SER B 157 2.59 31.27 17.90
C SER B 157 2.21 32.60 18.55
N ARG B 158 1.99 33.64 17.74
CA ARG B 158 1.51 34.92 18.27
C ARG B 158 0.14 34.78 18.90
N LYS B 159 -0.76 34.05 18.24
CA LYS B 159 -2.11 33.86 18.77
C LYS B 159 -2.08 33.14 20.12
N LEU B 160 -1.26 32.09 20.23
CA LEU B 160 -1.19 31.30 21.45
C LEU B 160 -0.35 31.95 22.53
N LYS B 161 0.47 32.92 22.16
CA LYS B 161 1.50 33.48 23.06
C LYS B 161 2.36 32.36 23.65
N LYS B 162 2.78 31.46 22.76
CA LYS B 162 3.69 30.39 23.14
CA LYS B 162 3.67 30.37 23.13
C LYS B 162 4.79 30.32 22.09
N VAL B 163 6.03 30.18 22.57
CA VAL B 163 7.16 30.12 21.66
C VAL B 163 7.17 28.81 20.91
N ALA B 164 7.23 28.90 19.58
CA ALA B 164 7.45 27.74 18.71
C ALA B 164 8.95 27.58 18.47
N ASN B 165 9.47 26.38 18.76
CA ASN B 165 10.89 26.13 18.56
C ASN B 165 11.07 25.48 17.19
N VAL B 166 11.94 26.04 16.35
CA VAL B 166 11.99 25.59 14.96
C VAL B 166 13.40 25.28 14.49
N CYS B 167 13.47 24.39 13.51
CA CYS B 167 14.65 24.19 12.71
CA CYS B 167 14.64 24.14 12.70
C CYS B 167 14.27 24.39 11.25
N VAL B 168 15.12 25.07 10.50
CA VAL B 168 14.85 25.34 9.08
C VAL B 168 15.40 24.18 8.27
N ARG B 169 14.53 23.49 7.53
CA ARG B 169 15.00 22.37 6.73
C ARG B 169 15.52 22.91 5.42
N VAL B 170 16.76 22.54 5.10
CA VAL B 170 17.45 22.98 3.91
C VAL B 170 17.87 21.72 3.17
N GLU B 171 17.48 21.60 1.92
CA GLU B 171 17.92 20.43 1.18
C GLU B 171 19.00 20.78 0.19
N PRO B 172 20.24 20.34 0.43
CA PRO B 172 21.36 20.68 -0.44
C PRO B 172 21.29 19.96 -1.78
N ASN B 173 21.86 20.61 -2.79
CA ASN B 173 22.08 19.99 -4.09
C ASN B 173 23.42 19.26 -4.03
N VAL B 174 23.38 17.98 -3.67
CA VAL B 174 24.57 17.16 -3.53
C VAL B 174 24.57 16.12 -4.66
N PRO B 175 25.42 16.28 -5.68
CA PRO B 175 25.53 15.32 -6.81
C PRO B 175 26.43 14.13 -6.48
N LEU B 182 18.55 13.05 -8.85
CA LEU B 182 19.57 13.59 -9.72
C LEU B 182 19.59 15.13 -9.72
N VAL B 183 18.44 15.73 -9.42
CA VAL B 183 18.31 17.19 -9.33
C VAL B 183 17.36 17.51 -8.17
N THR B 184 17.87 18.25 -7.19
CA THR B 184 17.08 18.53 -5.99
C THR B 184 15.75 19.23 -6.33
N ALA B 185 15.79 20.25 -7.19
CA ALA B 185 14.56 20.98 -7.50
C ALA B 185 13.50 20.06 -8.09
N PHE B 186 13.92 19.12 -8.95
CA PHE B 186 12.98 18.21 -9.59
C PHE B 186 12.60 17.03 -8.71
N HIS B 187 13.50 16.58 -7.83
CA HIS B 187 13.30 15.31 -7.15
C HIS B 187 13.10 15.40 -5.64
N ALA B 188 13.39 16.54 -5.01
CA ALA B 188 13.21 16.70 -3.57
C ALA B 188 12.10 17.71 -3.31
N LYS B 189 10.92 17.20 -2.93
CA LYS B 189 9.83 18.09 -2.57
C LYS B 189 10.07 18.81 -1.24
N SER B 190 10.95 18.26 -0.38
CA SER B 190 11.07 18.74 1.00
C SER B 190 12.12 19.82 1.14
N GLY B 191 11.91 20.67 2.13
CA GLY B 191 12.91 21.65 2.53
C GLY B 191 12.91 22.90 1.66
N LEU B 192 13.71 23.86 2.11
CA LEU B 192 14.03 25.07 1.38
C LEU B 192 15.34 24.87 0.62
N ASP B 193 15.55 25.71 -0.40
CA ASP B 193 16.84 25.76 -1.06
C ASP B 193 17.85 26.42 -0.13
N LEU B 194 19.11 25.99 -0.27
CA LEU B 194 20.20 26.60 0.51
C LEU B 194 20.17 28.12 0.37
N GLU B 195 19.88 28.61 -0.84
CA GLU B 195 19.84 30.03 -1.10
C GLU B 195 18.78 30.77 -0.28
N GLN B 196 17.76 30.07 0.23
CA GLN B 196 16.72 30.72 1.00
C GLN B 196 16.97 30.71 2.50
N ALA B 197 18.00 29.99 2.97
CA ALA B 197 18.19 29.82 4.41
C ALA B 197 18.42 31.14 5.13
N GLU B 198 19.22 32.04 4.54
CA GLU B 198 19.61 33.26 5.25
C GLU B 198 18.42 34.17 5.55
N GLU B 199 17.64 34.52 4.52
CA GLU B 199 16.50 35.39 4.76
C GLU B 199 15.47 34.72 5.66
N THR B 200 15.27 33.40 5.48
CA THR B 200 14.33 32.67 6.32
C THR B 200 14.72 32.78 7.79
N CYS B 201 16.01 32.56 8.08
CA CYS B 201 16.49 32.67 9.45
C CYS B 201 16.38 34.11 9.96
N ARG B 202 16.78 35.09 9.14
CA ARG B 202 16.64 36.49 9.54
CA ARG B 202 16.64 36.48 9.58
C ARG B 202 15.20 36.80 9.93
N ARG B 203 14.24 36.34 9.11
CA ARG B 203 12.82 36.54 9.39
CA ARG B 203 12.86 36.62 9.44
C ARG B 203 12.41 35.92 10.71
N ILE B 204 12.87 34.69 10.97
CA ILE B 204 12.49 34.02 12.20
C ILE B 204 13.02 34.77 13.42
N LEU B 205 14.26 35.27 13.34
CA LEU B 205 14.83 35.97 14.48
C LEU B 205 13.92 37.11 14.93
N ALA B 206 13.31 37.79 13.95
CA ALA B 206 12.44 38.94 14.21
C ALA B 206 11.06 38.57 14.74
N MET B 207 10.67 37.29 14.68
CA MET B 207 9.36 36.88 15.16
C MET B 207 9.37 36.77 16.67
N PRO B 208 8.37 37.32 17.36
CA PRO B 208 8.42 37.36 18.83
C PRO B 208 8.21 36.01 19.48
N TYR B 209 7.47 35.11 18.83
CA TYR B 209 7.15 33.80 19.42
C TYR B 209 7.69 32.65 18.59
N VAL B 210 8.74 32.86 17.81
CA VAL B 210 9.42 31.77 17.13
C VAL B 210 10.89 31.82 17.48
N HIS B 211 11.43 30.69 17.92
CA HIS B 211 12.82 30.59 18.35
C HIS B 211 13.57 29.70 17.37
N LEU B 212 14.59 30.25 16.72
CA LEU B 212 15.37 29.51 15.74
C LEU B 212 16.46 28.68 16.45
N ARG B 213 16.41 27.37 16.30
N ARG B 213 16.36 27.36 16.32
CA ARG B 213 17.38 26.53 16.98
CA ARG B 213 17.31 26.44 16.97
C ARG B 213 18.44 25.94 16.06
C ARG B 213 18.48 26.05 16.07
N GLY B 214 18.25 25.97 14.75
CA GLY B 214 19.28 25.49 13.85
C GLY B 214 18.68 25.05 12.52
N LEU B 215 19.49 24.36 11.73
CA LEU B 215 19.11 23.85 10.42
C LEU B 215 18.91 22.35 10.48
N HIS B 216 18.15 21.84 9.50
CA HIS B 216 17.73 20.45 9.42
C HIS B 216 17.88 19.94 8.00
N MET B 217 18.27 18.68 7.86
N MET B 217 18.32 18.69 7.85
CA MET B 217 18.18 17.99 6.60
CA MET B 217 18.23 18.01 6.56
C MET B 217 17.85 16.53 6.86
C MET B 217 18.06 16.52 6.81
N HIS B 218 17.57 15.81 5.79
CA HIS B 218 17.43 14.36 5.83
C HIS B 218 17.75 13.86 4.43
N VAL B 219 18.75 12.99 4.33
N VAL B 219 18.78 13.02 4.29
CA VAL B 219 19.35 12.58 3.07
CA VAL B 219 19.24 12.67 2.94
C VAL B 219 18.48 11.59 2.33
C VAL B 219 18.36 11.62 2.29
N GLY B 220 17.87 10.64 3.05
CA GLY B 220 17.09 9.59 2.44
C GLY B 220 17.10 8.36 3.33
N ASP B 221 16.69 7.24 2.73
CA ASP B 221 16.42 6.01 3.46
C ASP B 221 17.28 4.87 2.92
N GLN B 222 17.77 4.01 3.82
CA GLN B 222 18.58 2.85 3.43
C GLN B 222 19.73 3.28 2.51
N VAL B 223 20.51 4.24 3.00
CA VAL B 223 21.55 4.87 2.20
C VAL B 223 22.81 4.01 2.32
N PRO B 224 23.35 3.51 1.19
CA PRO B 224 24.43 2.51 1.27
C PRO B 224 25.84 3.08 1.22
N GLU B 225 26.01 4.37 1.46
CA GLU B 225 27.31 5.00 1.37
CA GLU B 225 27.30 5.03 1.34
C GLU B 225 27.38 6.12 2.38
N SER B 226 28.61 6.44 2.82
N SER B 226 28.61 6.42 2.83
CA SER B 226 28.82 7.51 3.79
CA SER B 226 28.77 7.50 3.80
C SER B 226 28.94 8.88 3.15
C SER B 226 28.88 8.88 3.13
N GLU B 227 29.41 8.93 1.90
CA GLU B 227 29.59 10.20 1.20
C GLU B 227 28.37 11.12 1.17
N PRO B 228 27.16 10.65 0.83
CA PRO B 228 26.02 11.59 0.82
C PRO B 228 25.80 12.27 2.16
N PHE B 229 26.03 11.55 3.26
CA PHE B 229 25.86 12.15 4.57
C PHE B 229 26.95 13.18 4.86
N ALA B 230 28.19 12.85 4.48
CA ALA B 230 29.31 13.77 4.73
C ALA B 230 29.15 15.04 3.91
N LYS B 231 28.87 14.89 2.62
CA LYS B 231 28.72 16.04 1.74
C LYS B 231 27.56 16.91 2.15
N ALA B 232 26.41 16.30 2.47
CA ALA B 232 25.23 17.08 2.85
C ALA B 232 25.41 17.73 4.22
N THR B 233 26.01 17.02 5.17
CA THR B 233 26.28 17.63 6.46
C THR B 233 27.21 18.82 6.32
N LYS B 234 28.24 18.71 5.48
CA LYS B 234 29.16 19.82 5.30
C LYS B 234 28.44 21.07 4.78
N VAL B 235 27.50 20.88 3.85
CA VAL B 235 26.71 22.01 3.35
C VAL B 235 25.97 22.69 4.50
N LEU B 236 25.30 21.89 5.33
CA LEU B 236 24.52 22.42 6.44
CA LEU B 236 24.52 22.45 6.43
C LEU B 236 25.43 23.07 7.47
N VAL B 237 26.59 22.47 7.71
CA VAL B 237 27.52 23.01 8.69
C VAL B 237 28.10 24.33 8.20
N ASP B 238 28.55 24.36 6.94
CA ASP B 238 29.08 25.61 6.38
C ASP B 238 28.05 26.74 6.44
N GLU B 239 26.79 26.43 6.12
CA GLU B 239 25.77 27.47 6.20
C GLU B 239 25.47 27.86 7.64
N SER B 240 25.48 26.89 8.55
CA SER B 240 25.30 27.23 9.97
C SER B 240 26.39 28.15 10.46
N ARG B 241 27.65 27.83 10.14
CA ARG B 241 28.75 28.68 10.58
C ARG B 241 28.63 30.07 9.98
N ARG B 242 28.28 30.14 8.69
CA ARG B 242 28.15 31.42 8.02
C ARG B 242 27.02 32.25 8.63
N LEU B 243 25.87 31.62 8.89
CA LEU B 243 24.75 32.38 9.48
C LEU B 243 25.04 32.82 10.90
N GLU B 244 25.79 32.04 11.68
CA GLU B 244 26.18 32.50 13.00
C GLU B 244 26.92 33.83 12.91
N GLU B 245 27.86 33.94 11.97
CA GLU B 245 28.61 35.18 11.80
CA GLU B 245 28.61 35.19 11.82
C GLU B 245 27.73 36.30 11.24
N VAL B 246 26.96 35.99 10.21
CA VAL B 246 26.18 37.03 9.53
C VAL B 246 25.10 37.60 10.43
N LEU B 247 24.44 36.73 11.20
CA LEU B 247 23.30 37.13 12.02
C LEU B 247 23.68 37.38 13.47
N GLY B 248 24.90 37.02 13.87
CA GLY B 248 25.35 37.27 15.23
C GLY B 248 24.69 36.37 16.25
N ILE B 249 24.53 35.08 15.96
CA ILE B 249 23.82 34.17 16.82
C ILE B 249 24.68 32.93 17.05
N LYS B 250 24.23 32.10 17.99
CA LYS B 250 24.87 30.82 18.30
C LYS B 250 23.76 29.77 18.26
N PHE B 251 23.82 28.87 17.27
CA PHE B 251 22.75 27.89 17.12
C PHE B 251 22.75 26.90 18.27
N ASP B 252 21.55 26.49 18.69
CA ASP B 252 21.46 25.43 19.69
C ASP B 252 21.92 24.10 19.10
N LEU B 253 21.60 23.85 17.82
CA LEU B 253 21.72 22.48 17.32
C LEU B 253 21.88 22.47 15.81
N ILE B 254 22.14 21.27 15.30
CA ILE B 254 22.00 20.94 13.90
C ILE B 254 21.35 19.57 13.85
N ASN B 255 20.35 19.41 12.97
CA ASN B 255 19.58 18.17 12.87
C ASN B 255 19.90 17.55 11.52
N VAL B 256 20.54 16.38 11.53
CA VAL B 256 21.08 15.76 10.31
C VAL B 256 20.21 14.62 9.80
N GLY B 257 19.05 14.39 10.40
CA GLY B 257 18.10 13.42 9.88
C GLY B 257 18.46 11.98 10.14
N GLY B 258 17.90 11.12 9.29
CA GLY B 258 18.05 9.67 9.44
C GLY B 258 18.70 9.01 8.25
N GLY B 259 18.38 7.72 8.01
CA GLY B 259 18.84 7.04 6.82
C GLY B 259 19.89 5.98 7.03
N ILE B 260 20.28 5.70 8.27
CA ILE B 260 21.21 4.60 8.58
C ILE B 260 20.58 3.33 8.02
N PRO B 261 21.28 2.58 7.17
CA PRO B 261 20.66 1.39 6.57
C PRO B 261 20.71 0.20 7.54
N VAL B 262 19.92 -0.81 7.20
CA VAL B 262 19.85 -2.08 7.92
C VAL B 262 20.19 -3.19 6.94
N PRO B 263 20.98 -4.20 7.33
CA PRO B 263 21.23 -5.32 6.41
C PRO B 263 19.97 -6.13 6.17
N TYR B 264 19.55 -6.23 4.90
CA TYR B 264 18.49 -7.17 4.52
C TYR B 264 19.05 -8.43 3.84
N LYS B 265 20.24 -8.33 3.26
CA LYS B 265 21.05 -9.45 2.85
C LYS B 265 22.36 -9.34 3.62
N TYR B 266 22.84 -10.48 4.14
CA TYR B 266 23.94 -10.47 5.10
C TYR B 266 25.27 -10.88 4.48
N ASP B 267 25.28 -11.55 3.33
CA ASP B 267 26.50 -12.07 2.74
C ASP B 267 27.18 -11.00 1.89
N ASP B 268 27.71 -10.00 2.61
CA ASP B 268 28.25 -8.79 1.99
C ASP B 268 29.33 -9.08 0.96
N GLU B 269 30.03 -10.21 1.09
CA GLU B 269 31.05 -10.58 0.12
C GLU B 269 30.46 -10.86 -1.25
N ASN B 270 29.14 -11.05 -1.35
CA ASN B 270 28.47 -11.36 -2.60
C ASN B 270 27.65 -10.20 -3.14
N GLY B 271 27.70 -9.04 -2.49
CA GLY B 271 26.81 -7.95 -2.83
C GLY B 271 27.56 -6.66 -3.17
N ASP B 272 26.91 -5.83 -3.97
CA ASP B 272 27.37 -4.46 -4.25
C ASP B 272 26.28 -3.55 -3.71
N PRO B 273 26.49 -2.91 -2.56
CA PRO B 273 25.42 -2.07 -1.98
C PRO B 273 24.97 -0.95 -2.87
N LEU B 274 25.82 -0.44 -3.77
CA LEU B 274 25.42 0.65 -4.64
C LEU B 274 24.48 0.18 -5.74
N LYS B 275 24.53 -1.10 -6.09
CA LYS B 275 23.64 -1.71 -7.07
C LYS B 275 22.42 -2.38 -6.44
N ASP B 276 22.58 -2.94 -5.24
CA ASP B 276 21.50 -3.64 -4.54
C ASP B 276 21.54 -3.15 -3.09
N ASN B 277 20.71 -2.17 -2.76
CA ASN B 277 20.81 -1.60 -1.42
C ASN B 277 20.14 -2.46 -0.35
N MET B 278 19.78 -3.71 -0.65
CA MET B 278 19.47 -4.64 0.44
C MET B 278 20.73 -5.00 1.21
N TYR B 279 21.89 -4.90 0.58
CA TYR B 279 23.14 -4.89 1.31
C TYR B 279 23.34 -3.51 1.92
N ALA B 280 23.55 -3.48 3.23
N ALA B 280 23.63 -3.47 3.23
CA ALA B 280 23.87 -2.23 3.90
CA ALA B 280 23.58 -2.21 3.96
C ALA B 280 25.30 -1.85 3.56
C ALA B 280 24.73 -1.26 3.57
N GLY B 281 25.49 -0.69 2.92
N GLY B 281 25.90 -1.80 3.28
CA GLY B 281 26.82 -0.30 2.54
CA GLY B 281 26.99 -0.93 2.88
C GLY B 281 27.65 0.29 3.65
C GLY B 281 27.72 -0.23 4.01
N ILE B 282 27.02 0.61 4.78
CA ILE B 282 27.65 1.30 5.91
C ILE B 282 26.99 0.84 7.20
N THR B 283 27.64 1.15 8.31
CA THR B 283 27.11 0.91 9.64
C THR B 283 26.74 2.24 10.30
N ALA B 284 26.14 2.15 11.48
CA ALA B 284 25.87 3.38 12.24
C ALA B 284 27.18 4.11 12.56
N GLN B 285 28.26 3.38 12.81
CA GLN B 285 29.54 4.04 13.08
C GLN B 285 30.02 4.86 11.88
N ASP B 286 29.82 4.36 10.66
CA ASP B 286 30.19 5.12 9.47
C ASP B 286 29.36 6.40 9.37
N PHE B 287 28.05 6.29 9.59
CA PHE B 287 27.16 7.46 9.61
C PHE B 287 27.65 8.48 10.64
N ALA B 288 27.92 8.03 11.87
CA ALA B 288 28.36 8.95 12.91
C ALA B 288 29.70 9.58 12.59
N ASP B 289 30.66 8.80 12.04
CA ASP B 289 31.96 9.38 11.71
C ASP B 289 31.81 10.49 10.68
N ALA B 290 30.99 10.26 9.65
CA ALA B 290 30.81 11.28 8.62
C ALA B 290 30.16 12.53 9.20
N VAL B 291 29.11 12.36 9.99
CA VAL B 291 28.38 13.49 10.56
C VAL B 291 29.27 14.25 11.55
N ILE B 292 29.82 13.53 12.53
CA ILE B 292 30.59 14.18 13.59
C ILE B 292 31.81 14.90 13.03
N ARG B 293 32.54 14.27 12.11
CA ARG B 293 33.71 14.91 11.53
CA ARG B 293 33.72 14.92 11.55
C ARG B 293 33.36 16.25 10.92
N GLU B 294 32.24 16.33 10.20
CA GLU B 294 31.87 17.59 9.58
C GLU B 294 31.40 18.61 10.61
N VAL B 295 30.60 18.18 11.59
CA VAL B 295 30.11 19.12 12.60
C VAL B 295 31.26 19.72 13.40
N HIS B 296 32.27 18.90 13.76
CA HIS B 296 33.36 19.37 14.59
C HIS B 296 34.30 20.34 13.87
N LYS B 297 34.23 20.42 12.54
CA LYS B 297 34.94 21.48 11.84
C LYS B 297 34.34 22.84 12.13
N TRP B 298 33.18 22.88 12.81
CA TRP B 298 32.49 24.10 13.17
C TRP B 298 32.44 24.28 14.67
N ARG B 299 31.78 23.37 15.40
CA ARG B 299 31.67 23.46 16.84
C ARG B 299 31.61 22.06 17.42
N THR B 300 32.29 21.86 18.57
CA THR B 300 32.19 20.59 19.27
C THR B 300 31.13 20.58 20.36
N ASP B 301 30.63 21.75 20.76
CA ASP B 301 29.68 21.86 21.85
C ASP B 301 28.23 21.85 21.38
N VAL B 302 27.98 22.14 20.10
CA VAL B 302 26.63 22.21 19.59
C VAL B 302 25.94 20.84 19.71
N GLU B 303 24.62 20.87 19.91
CA GLU B 303 23.86 19.62 19.92
C GLU B 303 23.68 19.07 18.51
N ILE B 304 23.93 17.78 18.32
CA ILE B 304 23.59 17.11 17.07
C ILE B 304 22.33 16.30 17.31
N CYS B 305 21.31 16.57 16.50
CA CYS B 305 20.09 15.77 16.50
C CYS B 305 20.13 14.81 15.33
N ILE B 306 19.78 13.55 15.58
CA ILE B 306 19.63 12.55 14.53
C ILE B 306 18.22 11.97 14.62
N GLU B 307 17.72 11.49 13.48
CA GLU B 307 16.36 10.97 13.35
C GLU B 307 16.32 9.56 12.74
N PRO B 308 17.03 8.59 13.32
CA PRO B 308 16.99 7.22 12.79
C PRO B 308 15.59 6.63 12.93
N GLY B 309 15.11 6.00 11.86
CA GLY B 309 13.87 5.23 11.89
C GLY B 309 14.13 3.75 11.74
N ARG B 310 14.38 3.38 10.49
CA ARG B 310 14.59 1.98 10.10
C ARG B 310 15.58 1.25 11.02
N LYS B 311 16.70 1.89 11.36
CA LYS B 311 17.71 1.16 12.13
C LYS B 311 17.22 0.78 13.52
N VAL B 312 16.28 1.55 14.09
CA VAL B 312 15.83 1.26 15.45
C VAL B 312 15.05 -0.05 15.50
N THR B 313 14.14 -0.28 14.54
CA THR B 313 13.24 -1.43 14.61
C THR B 313 13.37 -2.45 13.48
N GLY B 314 14.11 -2.17 12.41
CA GLY B 314 14.02 -3.02 11.22
C GLY B 314 14.37 -4.48 11.51
N SER B 315 15.48 -4.71 12.21
CA SER B 315 15.93 -6.05 12.53
C SER B 315 15.15 -6.68 13.68
N ALA B 316 14.23 -5.93 14.31
CA ALA B 316 13.64 -6.33 15.58
C ALA B 316 12.27 -6.99 15.46
N ALA B 317 11.84 -7.38 14.26
CA ALA B 317 10.59 -8.10 14.16
C ALA B 317 10.69 -9.21 13.14
N VAL B 318 9.80 -10.20 13.28
CA VAL B 318 9.61 -11.27 12.33
C VAL B 318 8.13 -11.32 11.99
N LEU B 319 7.82 -11.50 10.70
CA LEU B 319 6.46 -11.80 10.27
C LEU B 319 6.31 -13.31 10.26
N LEU B 320 5.34 -13.83 11.02
CA LEU B 320 5.02 -15.25 11.05
C LEU B 320 3.72 -15.47 10.29
N THR B 321 3.77 -16.37 9.30
CA THR B 321 2.63 -16.62 8.44
C THR B 321 2.53 -18.12 8.17
N GLU B 322 1.33 -18.67 8.23
CA GLU B 322 1.15 -20.12 8.11
C GLU B 322 1.03 -20.53 6.65
N VAL B 323 1.75 -21.59 6.27
CA VAL B 323 1.52 -22.22 4.96
C VAL B 323 0.10 -22.77 4.99
N SER B 324 -0.77 -22.22 4.15
CA SER B 324 -2.20 -22.48 4.25
C SER B 324 -2.76 -23.23 3.05
N CYS B 325 -1.98 -23.39 1.98
CA CYS B 325 -2.40 -24.16 0.82
C CYS B 325 -1.14 -24.44 0.01
N GLU B 326 -1.26 -25.36 -0.94
CA GLU B 326 -0.15 -25.73 -1.81
CA GLU B 326 -0.15 -25.78 -1.79
C GLU B 326 -0.74 -26.27 -3.10
N LYS B 327 0.05 -26.16 -4.18
CA LYS B 327 -0.34 -26.75 -5.46
C LYS B 327 0.90 -26.86 -6.32
N ARG B 328 0.83 -27.73 -7.31
CA ARG B 328 1.86 -27.90 -8.32
CA ARG B 328 1.86 -27.90 -8.32
C ARG B 328 1.27 -27.52 -9.66
N LYS B 329 1.95 -26.63 -10.37
CA LYS B 329 1.57 -26.32 -11.73
C LYS B 329 2.67 -26.83 -12.65
N THR B 330 2.29 -27.24 -13.83
CA THR B 330 3.20 -27.87 -14.75
C THR B 330 3.03 -27.23 -16.11
N ASN B 331 4.14 -26.87 -16.75
CA ASN B 331 4.14 -26.46 -18.15
CA ASN B 331 4.15 -26.46 -18.15
C ASN B 331 4.42 -27.70 -19.00
N TYR B 332 3.48 -28.04 -19.88
CA TYR B 332 3.63 -29.18 -20.77
C TYR B 332 3.93 -28.69 -22.18
N ASP B 333 4.77 -29.43 -22.91
CA ASP B 333 4.96 -29.16 -24.32
C ASP B 333 3.77 -29.66 -25.13
N LEU B 334 3.84 -29.50 -26.44
CA LEU B 334 2.70 -29.84 -27.28
C LEU B 334 2.55 -31.33 -27.51
N ASN B 335 3.45 -32.15 -26.96
CA ASN B 335 3.29 -33.60 -26.95
C ASN B 335 2.79 -34.13 -25.60
N GLY B 336 2.57 -33.24 -24.63
CA GLY B 336 2.16 -33.66 -23.31
C GLY B 336 3.29 -34.03 -22.38
N ASN B 337 4.54 -33.80 -22.78
CA ASN B 337 5.66 -34.04 -21.90
C ASN B 337 5.90 -32.81 -21.02
N VAL B 338 6.46 -33.06 -19.85
CA VAL B 338 6.64 -32.01 -18.85
C VAL B 338 7.85 -31.16 -19.22
N GLU B 339 7.63 -29.84 -19.34
CA GLU B 339 8.75 -28.91 -19.49
C GLU B 339 9.33 -28.51 -18.13
N CYS B 340 8.47 -28.17 -17.18
CA CYS B 340 8.90 -27.96 -15.80
C CYS B 340 7.69 -28.04 -14.89
N HIS B 341 7.95 -28.25 -13.61
CA HIS B 341 6.98 -28.16 -12.53
C HIS B 341 7.30 -26.94 -11.66
N VAL B 342 6.26 -26.29 -11.15
CA VAL B 342 6.42 -25.20 -10.20
C VAL B 342 5.65 -25.57 -8.95
N GLU B 343 6.33 -25.61 -7.82
CA GLU B 343 5.70 -25.89 -6.52
C GLU B 343 5.32 -24.56 -5.88
N TRP B 344 4.02 -24.30 -5.81
CA TRP B 344 3.51 -23.08 -5.19
C TRP B 344 3.12 -23.38 -3.75
N LYS B 345 3.64 -22.60 -2.81
CA LYS B 345 3.22 -22.64 -1.42
C LYS B 345 2.53 -21.32 -1.12
N PHE B 346 1.34 -21.39 -0.51
CA PHE B 346 0.54 -20.22 -0.20
C PHE B 346 0.58 -19.96 1.28
N VAL B 347 0.95 -18.74 1.66
CA VAL B 347 0.92 -18.34 3.05
C VAL B 347 -0.25 -17.38 3.23
N ASP B 348 -0.66 -17.21 4.50
CA ASP B 348 -1.80 -16.38 4.81
C ASP B 348 -1.47 -14.89 4.93
N ALA B 349 -0.25 -14.47 4.58
CA ALA B 349 0.13 -13.07 4.44
C ALA B 349 0.51 -12.77 3.00
N GLY B 350 -0.05 -11.68 2.46
CA GLY B 350 0.33 -11.22 1.14
C GLY B 350 0.73 -9.76 1.19
N TYR B 351 0.65 -9.05 0.07
CA TYR B 351 1.22 -7.69 0.11
C TYR B 351 0.39 -6.71 0.91
N SER B 352 -0.86 -7.05 1.26
CA SER B 352 -1.62 -6.21 2.17
C SER B 352 -1.07 -6.24 3.60
N VAL B 353 -0.21 -7.19 3.94
N VAL B 353 -0.27 -7.26 3.90
CA VAL B 353 0.38 -7.19 5.28
CA VAL B 353 0.34 -7.45 5.21
C VAL B 353 1.89 -7.09 5.26
C VAL B 353 1.80 -7.01 5.21
N LEU B 354 2.54 -7.29 4.11
CA LEU B 354 3.98 -6.98 3.97
C LEU B 354 4.10 -6.16 2.68
N SER B 355 3.80 -4.87 2.80
CA SER B 355 3.62 -4.01 1.64
CA SER B 355 3.61 -4.04 1.61
C SER B 355 4.90 -3.89 0.81
N ASP B 356 6.04 -3.69 1.48
CA ASP B 356 7.23 -3.31 0.73
C ASP B 356 7.80 -4.44 -0.09
N SER B 357 7.47 -5.69 0.25
CA SER B 357 7.89 -6.85 -0.54
C SER B 357 7.36 -6.76 -1.96
N GLN B 358 6.21 -6.10 -2.15
CA GLN B 358 5.60 -5.90 -3.46
C GLN B 358 5.91 -4.53 -4.04
N HIS B 359 5.60 -3.48 -3.29
CA HIS B 359 5.61 -2.14 -3.86
C HIS B 359 6.99 -1.53 -3.98
N PHE B 360 7.96 -2.01 -3.22
CA PHE B 360 9.31 -1.44 -3.24
C PHE B 360 10.37 -2.50 -3.49
N ASP B 361 10.00 -3.65 -4.04
CA ASP B 361 10.95 -4.71 -4.37
C ASP B 361 11.90 -4.99 -3.21
N TRP B 362 11.33 -5.09 -2.01
CA TRP B 362 12.15 -5.21 -0.82
C TRP B 362 12.38 -6.69 -0.51
N PHE B 363 13.62 -7.06 -0.23
CA PHE B 363 13.97 -8.44 0.12
C PHE B 363 13.95 -8.61 1.63
N PHE B 364 13.38 -9.73 2.07
CA PHE B 364 13.46 -10.20 3.45
C PHE B 364 13.82 -11.69 3.40
N TYR B 365 14.70 -12.13 4.31
CA TYR B 365 14.97 -13.56 4.40
C TYR B 365 13.71 -14.32 4.74
N VAL B 366 13.49 -15.43 4.05
CA VAL B 366 12.34 -16.30 4.27
C VAL B 366 12.86 -17.68 4.66
N TYR B 367 12.35 -18.21 5.77
CA TYR B 367 12.71 -19.54 6.23
C TYR B 367 11.47 -20.27 6.74
N ASN B 368 11.56 -21.60 6.80
CA ASN B 368 10.51 -22.40 7.41
C ASN B 368 10.82 -22.46 8.91
N ALA B 369 10.12 -21.64 9.69
CA ALA B 369 10.35 -21.59 11.14
C ALA B 369 10.02 -22.91 11.81
N SER B 370 9.09 -23.69 11.26
CA SER B 370 8.74 -24.99 11.84
C SER B 370 9.77 -26.06 11.54
N ARG B 371 10.63 -25.83 10.55
CA ARG B 371 11.63 -26.78 10.10
C ARG B 371 12.96 -26.08 9.90
N MET B 372 13.33 -25.26 10.90
CA MET B 372 14.45 -24.34 10.74
C MET B 372 15.78 -25.05 10.71
N THR B 373 15.86 -26.26 11.30
CA THR B 373 17.08 -27.04 11.27
C THR B 373 17.16 -27.97 10.07
N ALA B 374 16.17 -27.95 9.18
CA ALA B 374 16.18 -28.82 8.01
C ALA B 374 16.75 -28.06 6.81
N ALA B 375 17.47 -28.78 5.96
CA ALA B 375 18.00 -28.17 4.75
C ALA B 375 16.85 -27.59 3.95
N HIS B 376 17.02 -26.34 3.51
CA HIS B 376 16.04 -25.68 2.64
C HIS B 376 16.49 -26.02 1.22
N ASP B 377 16.00 -27.16 0.74
CA ASP B 377 16.56 -27.86 -0.42
C ASP B 377 15.60 -27.94 -1.61
N ALA B 378 14.47 -27.24 -1.56
CA ALA B 378 13.49 -27.29 -2.64
C ALA B 378 13.16 -25.88 -3.10
N TRP B 379 13.24 -25.67 -4.42
CA TRP B 379 12.84 -24.40 -5.01
C TRP B 379 11.32 -24.32 -5.07
N ILE B 380 10.75 -23.26 -4.50
CA ILE B 380 9.31 -23.05 -4.46
C ILE B 380 9.01 -21.61 -4.85
N LYS B 381 7.77 -21.36 -5.26
CA LYS B 381 7.26 -20.00 -5.37
C LYS B 381 6.28 -19.76 -4.22
N LEU B 382 6.36 -18.59 -3.64
CA LEU B 382 5.67 -18.27 -2.40
C LEU B 382 4.59 -17.24 -2.72
N ALA B 383 3.34 -17.61 -2.50
CA ALA B 383 2.20 -16.78 -2.86
C ALA B 383 1.47 -16.32 -1.62
N GLY B 384 0.81 -15.16 -1.74
CA GLY B 384 -0.08 -14.67 -0.70
C GLY B 384 -1.53 -15.08 -1.00
N PRO B 385 -2.44 -14.67 -0.11
CA PRO B 385 -3.85 -15.07 -0.21
C PRO B 385 -4.77 -14.10 -0.94
N LEU B 386 -4.26 -12.97 -1.44
CA LEU B 386 -5.13 -12.01 -2.11
C LEU B 386 -5.58 -12.54 -3.46
N CYS B 387 -6.81 -12.19 -3.83
N CYS B 387 -6.84 -12.26 -3.82
CA CYS B 387 -7.36 -12.50 -5.12
CA CYS B 387 -7.37 -12.64 -5.13
C CYS B 387 -6.83 -11.46 -6.11
C CYS B 387 -6.86 -11.64 -6.17
N ASP B 388 -5.57 -11.65 -6.50
N ASP B 388 -5.58 -11.78 -6.47
CA ASP B 388 -4.80 -10.70 -7.29
CA ASP B 388 -4.87 -10.87 -7.38
C ASP B 388 -3.60 -11.50 -7.78
C ASP B 388 -3.66 -11.63 -7.91
N GLY B 389 -3.50 -11.68 -9.10
N GLY B 389 -3.52 -11.67 -9.23
CA GLY B 389 -2.42 -12.50 -9.63
CA GLY B 389 -2.43 -12.42 -9.85
C GLY B 389 -1.05 -11.96 -9.26
C GLY B 389 -1.04 -11.90 -9.51
N GLY B 390 -0.95 -10.65 -9.02
CA GLY B 390 0.33 -10.11 -8.62
C GLY B 390 0.71 -10.35 -7.16
N ASP B 391 -0.21 -10.87 -6.34
CA ASP B 391 0.09 -11.12 -4.93
C ASP B 391 0.84 -12.44 -4.75
N TYR B 392 2.10 -12.39 -5.13
CA TYR B 392 3.08 -13.40 -4.72
C TYR B 392 4.39 -12.68 -4.52
N PHE B 393 5.30 -13.33 -3.79
CA PHE B 393 6.55 -12.71 -3.38
C PHE B 393 7.57 -12.89 -4.50
N HIS B 394 7.93 -11.78 -5.15
CA HIS B 394 8.80 -11.81 -6.31
CA HIS B 394 8.82 -11.86 -6.30
C HIS B 394 10.28 -11.69 -5.95
N MET B 395 10.60 -11.24 -4.73
CA MET B 395 11.99 -10.97 -4.35
C MET B 395 12.56 -12.24 -3.72
N GLY B 396 12.88 -13.21 -4.58
CA GLY B 396 13.29 -14.52 -4.11
C GLY B 396 14.78 -14.63 -3.85
N VAL B 397 15.17 -15.87 -3.50
CA VAL B 397 16.57 -16.21 -3.33
C VAL B 397 17.27 -16.28 -4.68
N LYS B 398 16.58 -16.78 -5.69
CA LYS B 398 17.09 -16.82 -7.05
C LYS B 398 15.92 -16.40 -7.93
N GLY B 399 15.99 -15.22 -8.51
CA GLY B 399 14.86 -14.71 -9.27
C GLY B 399 13.65 -14.65 -8.38
N GLU B 400 12.55 -15.24 -8.84
CA GLU B 400 11.31 -15.26 -8.06
C GLU B 400 11.14 -16.55 -7.27
N GLU B 401 12.20 -17.34 -7.12
CA GLU B 401 12.10 -18.62 -6.43
C GLU B 401 12.74 -18.54 -5.05
N PHE B 402 12.08 -19.15 -4.09
CA PHE B 402 12.57 -19.29 -2.72
C PHE B 402 13.03 -20.72 -2.47
N LEU B 403 13.66 -20.92 -1.30
CA LEU B 403 14.09 -22.26 -0.87
C LEU B 403 13.39 -22.60 0.43
N LEU B 404 12.75 -23.77 0.47
CA LEU B 404 12.20 -24.28 1.71
C LEU B 404 12.50 -25.77 1.74
N PRO B 405 12.42 -26.41 2.91
CA PRO B 405 12.61 -27.87 2.95
C PRO B 405 11.61 -28.56 2.05
N LYS B 406 12.08 -29.61 1.38
CA LYS B 406 11.16 -30.41 0.56
C LYS B 406 10.06 -31.04 1.41
N GLU B 407 10.27 -31.14 2.72
CA GLU B 407 9.29 -31.69 3.64
C GLU B 407 8.23 -30.67 4.06
N THR B 408 8.29 -29.43 3.55
CA THR B 408 7.33 -28.40 3.96
C THR B 408 5.90 -28.88 3.72
N HIS B 409 5.05 -28.63 4.72
CA HIS B 409 3.67 -29.08 4.69
CA HIS B 409 3.67 -29.11 4.78
C HIS B 409 2.76 -27.92 5.08
N VAL B 410 1.53 -27.98 4.56
CA VAL B 410 0.51 -27.04 5.02
C VAL B 410 0.40 -27.15 6.53
N GLY B 411 0.36 -26.00 7.20
CA GLY B 411 0.40 -25.93 8.63
C GLY B 411 1.73 -25.49 9.20
N ASP B 412 2.80 -25.58 8.41
CA ASP B 412 4.09 -25.05 8.84
C ASP B 412 4.02 -23.53 8.92
N ILE B 413 4.92 -22.97 9.74
CA ILE B 413 5.00 -21.53 9.95
C ILE B 413 6.21 -21.00 9.20
N VAL B 414 5.98 -20.04 8.30
CA VAL B 414 7.05 -19.40 7.56
C VAL B 414 7.39 -18.08 8.25
N ALA B 415 8.69 -17.78 8.33
CA ALA B 415 9.15 -16.53 8.95
C ALA B 415 9.80 -15.64 7.90
N PHE B 416 9.44 -14.36 7.90
CA PHE B 416 10.16 -13.31 7.19
C PHE B 416 10.97 -12.53 8.22
N LEU B 417 12.30 -12.50 8.07
CA LEU B 417 13.15 -11.77 9.01
C LEU B 417 13.19 -10.28 8.67
N ASP B 418 13.72 -9.49 9.62
CA ASP B 418 13.98 -8.07 9.42
C ASP B 418 12.71 -7.33 9.00
N ALA B 419 11.61 -7.66 9.66
CA ALA B 419 10.28 -7.21 9.27
C ALA B 419 9.75 -6.12 10.21
N GLY B 420 10.65 -5.34 10.83
CA GLY B 420 10.22 -4.40 11.84
C GLY B 420 10.14 -2.95 11.44
N ALA B 421 10.56 -2.58 10.23
CA ALA B 421 10.49 -1.19 9.79
C ALA B 421 9.48 -1.04 8.64
N TYR B 422 8.54 -0.09 8.79
CA TYR B 422 7.60 0.30 7.73
C TYR B 422 6.67 -0.84 7.30
N THR B 423 6.35 -1.73 8.25
CA THR B 423 5.55 -2.91 7.96
C THR B 423 4.18 -2.93 8.63
N ILE B 424 3.89 -2.05 9.59
CA ILE B 424 2.61 -2.12 10.29
C ILE B 424 1.62 -1.09 9.74
N GLU B 425 1.99 0.19 9.76
CA GLU B 425 1.03 1.21 9.31
C GLU B 425 0.78 1.15 7.81
N SER B 426 1.63 0.46 7.05
CA SER B 426 1.50 0.32 5.61
C SER B 426 0.59 -0.83 5.21
N GLN B 427 0.01 -1.55 6.17
CA GLN B 427 -0.94 -2.61 5.83
C GLN B 427 -2.27 -2.05 5.35
N THR B 428 -3.00 -2.87 4.60
CA THR B 428 -4.31 -2.46 4.10
C THR B 428 -5.33 -3.54 4.42
N VAL B 429 -6.61 -3.21 4.20
CA VAL B 429 -7.69 -4.21 4.26
C VAL B 429 -8.17 -4.59 2.86
N PHE B 430 -7.24 -4.63 1.91
CA PHE B 430 -7.58 -5.09 0.57
C PHE B 430 -8.16 -6.51 0.65
N ASN B 431 -9.19 -6.78 -0.17
CA ASN B 431 -9.98 -8.01 -0.10
C ASN B 431 -10.69 -8.18 1.24
N ASN B 432 -10.69 -7.16 2.10
N ASN B 432 -10.69 -7.15 2.09
CA ASN B 432 -11.23 -7.26 3.45
CA ASN B 432 -11.17 -7.24 3.46
C ASN B 432 -10.52 -8.33 4.29
C ASN B 432 -10.54 -8.41 4.21
N ARG B 433 -9.26 -8.63 3.97
CA ARG B 433 -8.44 -9.37 4.90
C ARG B 433 -8.01 -8.40 5.99
N PRO B 434 -8.02 -8.80 7.25
CA PRO B 434 -7.70 -7.87 8.34
C PRO B 434 -6.23 -7.51 8.40
N ARG B 435 -5.95 -6.29 8.87
CA ARG B 435 -4.59 -5.96 9.26
C ARG B 435 -4.21 -6.79 10.49
N THR B 436 -2.92 -7.06 10.63
CA THR B 436 -2.50 -8.14 11.53
C THR B 436 -2.40 -7.70 12.99
N GLY B 437 -2.53 -8.69 13.88
CA GLY B 437 -2.07 -8.53 15.23
C GLY B 437 -0.56 -8.37 15.30
N VAL B 438 -0.11 -7.90 16.46
CA VAL B 438 1.32 -7.68 16.72
C VAL B 438 1.59 -8.15 18.13
N VAL B 439 2.63 -8.97 18.29
CA VAL B 439 3.05 -9.47 19.59
C VAL B 439 4.40 -8.86 19.95
N MET B 440 4.64 -8.68 21.24
CA MET B 440 5.92 -8.15 21.75
CA MET B 440 5.93 -8.16 21.73
C MET B 440 6.58 -9.17 22.66
N ILE B 441 7.86 -9.45 22.42
CA ILE B 441 8.70 -10.16 23.39
C ILE B 441 9.39 -9.10 24.23
N ASP B 442 9.11 -9.09 25.54
CA ASP B 442 9.66 -8.04 26.39
C ASP B 442 11.09 -8.40 26.83
N LYS B 443 11.70 -7.51 27.63
CA LYS B 443 13.08 -7.71 28.08
C LYS B 443 13.23 -8.97 28.92
N ASN B 444 12.16 -9.39 29.59
CA ASN B 444 12.23 -10.63 30.36
C ASN B 444 11.98 -11.85 29.50
N GLY B 445 11.72 -11.68 28.21
CA GLY B 445 11.48 -12.81 27.34
C GLY B 445 10.06 -13.31 27.31
N ASP B 446 9.13 -12.59 27.94
CA ASP B 446 7.72 -12.94 27.97
C ASP B 446 7.00 -12.24 26.83
N THR B 447 5.92 -12.83 26.37
CA THR B 447 5.19 -12.31 25.20
C THR B 447 3.85 -11.73 25.61
N ARG B 448 3.39 -10.74 24.85
CA ARG B 448 2.06 -10.18 25.04
C ARG B 448 1.59 -9.60 23.71
N LEU B 449 0.26 -9.63 23.52
CA LEU B 449 -0.34 -8.99 22.37
C LEU B 449 -0.32 -7.47 22.56
N ILE B 450 0.24 -6.75 21.60
CA ILE B 450 0.25 -5.29 21.64
C ILE B 450 -0.60 -4.64 20.57
N ARG B 451 -1.11 -5.42 19.61
CA ARG B 451 -2.09 -4.90 18.66
C ARG B 451 -3.01 -6.06 18.29
N ARG B 452 -4.31 -5.82 18.29
CA ARG B 452 -5.23 -6.87 17.89
C ARG B 452 -5.29 -6.96 16.37
N GLU B 453 -5.67 -8.14 15.88
CA GLU B 453 -6.07 -8.25 14.48
C GLU B 453 -7.37 -7.49 14.26
N ASP B 454 -7.47 -6.78 13.14
CA ASP B 454 -8.75 -6.11 12.84
C ASP B 454 -9.87 -7.14 12.86
N SER B 455 -10.98 -6.81 13.51
CA SER B 455 -12.14 -7.71 13.51
C SER B 455 -13.07 -7.37 12.35
N TYR B 456 -14.05 -8.24 12.10
CA TYR B 456 -15.07 -7.90 11.12
C TYR B 456 -15.72 -6.55 11.46
N GLU B 457 -16.09 -6.39 12.73
CA GLU B 457 -16.76 -5.15 13.11
CA GLU B 457 -16.73 -5.15 13.19
C GLU B 457 -15.87 -3.94 12.85
N ASP B 458 -14.62 -3.98 13.33
N ASP B 458 -14.54 -4.14 12.83
CA ASP B 458 -13.75 -2.82 13.20
CA ASP B 458 -13.60 -3.11 12.33
C ASP B 458 -13.78 -2.33 11.76
C ASP B 458 -13.72 -2.87 10.83
N MET B 459 -13.72 -3.27 10.82
N MET B 459 -14.14 -3.88 10.05
CA MET B 459 -13.60 -2.92 9.41
CA MET B 459 -14.25 -3.68 8.60
C MET B 459 -14.88 -2.30 8.85
C MET B 459 -15.39 -2.74 8.24
N VAL B 460 -16.05 -2.78 9.27
N VAL B 460 -16.48 -2.76 8.99
CA VAL B 460 -17.30 -2.22 8.74
CA VAL B 460 -17.69 -1.98 8.66
C VAL B 460 -17.78 -1.01 9.52
C VAL B 460 -17.90 -0.77 9.55
N LYS B 461 -17.19 -0.72 10.68
CA LYS B 461 -17.73 0.32 11.55
CA LYS B 461 -17.61 0.31 11.63
C LYS B 461 -17.40 1.72 11.07
N TYR B 462 -16.44 1.86 10.15
CA TYR B 462 -16.20 3.19 9.58
C TYR B 462 -17.30 3.57 8.60
N ASP B 463 -18.06 2.60 8.10
CA ASP B 463 -19.05 2.85 7.07
C ASP B 463 -20.37 3.27 7.69
N ILE B 464 -21.10 4.08 6.94
CA ILE B 464 -22.43 4.58 7.38
C ILE B 464 -23.44 3.97 6.42
N TYR B 465 -24.20 3.00 6.90
CA TYR B 465 -25.11 2.28 6.00
C TYR B 465 -26.40 1.90 6.72
N LEU B 466 -27.41 1.57 5.93
CA LEU B 466 -28.76 1.29 6.48
C LEU B 466 -28.81 0.03 7.34
N ALA B 467 -28.49 -1.15 6.80
CA ALA B 467 -28.72 -2.36 7.63
C ALA B 467 -27.60 -3.40 7.47
S DMS C . -14.73 8.76 -21.60
O DMS C . -15.42 10.06 -21.88
C1 DMS C . -14.64 8.60 -19.80
C2 DMS C . -15.84 7.36 -21.95
C1 EDO D . -3.69 12.81 -21.83
O1 EDO D . -4.74 11.88 -22.12
C2 EDO D . -2.46 12.07 -21.34
O2 EDO D . -1.55 13.05 -20.78
C1 N2P E . 7.41 -2.75 -7.68
C2 N2P E . 6.42 -1.86 -8.45
C3 N2P E . 6.34 -0.46 -7.85
C4 N2P E . 6.97 0.60 -8.73
NE2 N2P E . 7.14 -4.16 -7.95
C5 N2P E . 5.95 1.64 -9.19
N1 N2P E . 6.37 2.98 -8.79
N1 R1O F . -8.59 -9.13 -10.54
N1 R1O F . -8.43 -9.77 -10.35
N3 R1O F . -4.97 -4.22 -7.97
N3 R1O F . -6.14 -3.24 -8.79
C4 R1O F . -10.75 -10.17 -9.93
C4 R1O F . -10.76 -10.30 -10.05
C5 R1O F . -11.91 -9.85 -10.69
C5 R1O F . -11.92 -9.87 -10.71
C6 R1O F . -12.77 -10.86 -11.05
C6 R1O F . -12.89 -10.79 -11.08
C7 R1O F . -11.47 -12.51 -9.92
C7 R1O F . -11.62 -12.60 -10.18
C8 R1O F . -10.59 -11.52 -9.49
C8 R1O F . -10.62 -11.71 -9.77
C10 R1O F . -12.21 -8.43 -11.07
C10 R1O F . -12.14 -8.41 -11.01
C13 R1O F . -5.43 -6.02 -9.61
C13 R1O F . -6.23 -5.68 -8.46
C1 R1O F . -6.28 -9.99 -11.07
C1 R1O F . -6.15 -9.37 -11.22
C11 R1O F . -6.65 -8.25 -9.26
C11 R1O F . -7.30 -7.62 -9.75
C12 R1O F . -6.42 -7.04 -10.16
C12 R1O F . -6.06 -7.03 -9.08
C14 R1O F . -5.94 -5.25 -8.41
C14 R1O F . -6.26 -4.55 -9.47
C2 R1O F . -7.25 -9.46 -10.00
C2 R1O F . -7.15 -9.11 -10.08
C3 R1O F . -9.71 -9.13 -9.59
C3 R1O F . -9.65 -9.37 -9.65
C9 R1O F . -11.29 -13.95 -9.58
C9 R1O F . -11.51 -14.08 -9.95
N2 R1O F . -12.54 -12.12 -10.66
N2 R1O F . -12.70 -12.10 -10.80
O1 R1O F . -5.99 -9.22 -12.00
O1 R1O F . -6.63 -9.74 -12.31
O2 R1O F . -5.88 -11.16 -10.95
O2 R1O F . -4.93 -9.24 -10.97
O3 R1O F . -9.65 -11.84 -8.73
O3 R1O F . -9.61 -12.13 -9.18
O4 R1O F . -11.28 -7.90 -12.02
O4 R1O F . -11.31 -7.96 -12.08
O5 R1O F . -10.22 -6.20 -13.46
O5 R1O F . -10.17 -6.35 -13.57
O6 R1O F . -11.74 -5.48 -11.58
O6 R1O F . -11.45 -5.49 -11.56
O7 R1O F . -12.71 -6.60 -13.61
O7 R1O F . -12.70 -6.47 -13.53
P1 R1O F . -11.50 -6.46 -12.69
P1 R1O F . -11.42 -6.48 -12.71
S DMS G . 0.04 -0.76 -14.54
O DMS G . -0.47 -1.68 -15.60
C1 DMS G . 0.95 0.61 -15.32
C2 DMS G . 1.34 -1.58 -13.57
S DMS H . -6.09 14.52 10.42
O DMS H . -5.38 14.75 9.12
C1 DMS H . -7.53 15.62 10.48
C2 DMS H . -5.12 15.30 11.74
NA NA I . -20.96 -34.40 -6.09
NA NA J . -9.64 20.94 3.54
CL CL K . -27.24 -10.47 -12.52
S DMS L . 23.54 -9.15 10.58
O DMS L . 24.19 -8.19 11.53
C1 DMS L . 21.74 -8.97 10.75
C2 DMS L . 23.68 -10.83 11.24
C1 EDO M . 20.81 -13.62 -1.21
O1 EDO M . 19.73 -14.32 -1.81
C2 EDO M . 20.71 -13.82 0.29
O2 EDO M . 21.78 -13.15 0.95
C1 GOL N . 14.27 9.74 29.31
O1 GOL N . 14.71 9.49 28.01
C2 GOL N . 15.11 10.90 29.85
O2 GOL N . 14.79 12.09 29.22
C3 GOL N . 14.81 10.92 31.35
O3 GOL N . 13.42 11.00 31.48
N1 R1O O . 12.17 9.45 5.40
N1 R1O O . 11.33 9.63 5.51
N3 R1O O . 8.48 3.99 2.74
N3 R1O O . 9.75 3.41 3.94
C4 R1O O . 12.43 10.08 7.75
C4 R1O O . 12.79 10.17 7.45
C5 R1O O . 13.36 9.72 8.74
C5 R1O O . 13.49 9.81 8.62
C6 R1O O . 14.01 10.72 9.46
C6 R1O O . 13.94 10.81 9.47
C7 R1O O . 12.76 12.42 8.36
C7 R1O O . 12.97 12.51 8.12
C8 R1O O . 12.05 11.47 7.63
C8 R1O O . 12.47 11.56 7.25
C10 R1O O . 13.67 8.28 9.02
C10 R1O O . 13.75 8.37 8.94
C13 R1O O . 10.10 5.66 3.65
C13 R1O O . 10.19 5.62 2.91
C1 R1O O . 12.53 8.85 3.01
C1 R1O O . 12.64 9.48 3.37
C11 R1O O . 11.92 7.08 4.78
C11 R1O O . 11.15 7.55 4.23
C12 R1O O . 11.55 6.04 3.72
C12 R1O O . 11.04 6.87 2.87
C14 R1O O . 9.88 4.44 2.77
C14 R1O O . 10.68 4.58 3.89
C2 R1O O . 11.76 8.54 4.32
C2 R1O O . 11.36 9.07 4.15
C3 R1O O . 11.84 9.08 6.78
C3 R1O O . 12.38 9.15 6.41
C9 R1O O . 12.48 13.90 8.20
C9 R1O O . 12.73 13.98 7.92
N2 R1O O . 13.73 12.01 9.23
N2 R1O O . 13.71 12.09 9.19
O1 R1O O . 13.72 9.21 3.12
O1 R1O O . 13.70 8.90 3.67
O2 R1O O . 11.91 8.72 1.93
O2 R1O O . 12.52 10.39 2.52
O3 R1O O . 11.12 11.80 6.87
O3 R1O O . 11.75 11.90 6.28
O4 R1O O . 14.34 7.64 7.93
O4 R1O O . 14.67 7.82 8.00
O5 R1O O . 16.13 6.34 9.09
O5 R1O O . 16.15 6.19 9.21
O6 R1O O . 13.89 5.27 8.63
O6 R1O O . 13.87 5.49 8.36
O7 R1O O . 15.47 5.78 6.72
O7 R1O O . 15.74 5.98 6.71
P1 R1O O . 14.99 6.17 8.11
P1 R1O O . 15.14 6.28 8.07
S DMS P . 22.28 -27.23 0.33
O DMS P . 21.20 -27.80 1.21
C1 DMS P . 22.57 -28.40 -1.04
C2 DMS P . 23.86 -27.38 1.20
S DMS Q . -9.92 -13.29 9.10
O DMS Q . -8.80 -13.54 8.14
C1 DMS Q . -9.71 -14.33 10.57
C2 DMS Q . -11.44 -14.04 8.46
NA NA R . 12.32 35.03 16.92
NA NA S . -2.83 -20.01 11.64
CL CL T . 18.33 11.12 23.26
#